data_6A98
#
_entry.id   6A98
#
_cell.length_a   39.442
_cell.length_b   53.340
_cell.length_c   95.162
_cell.angle_alpha   104.54
_cell.angle_beta   91.39
_cell.angle_gamma   92.91
#
_symmetry.space_group_name_H-M   'P 1'
#
loop_
_entity.id
_entity.type
_entity.pdbx_description
1 polymer 'aromatic prenyltransferase'
2 non-polymer 'octyl beta-D-glucopyranoside'
3 non-polymer 'CALCIUM ION'
4 non-polymer 2-AMINO-2-HYDROXYMETHYL-PROPANE-1,3-DIOL
5 water water
#
_entity_poly.entity_id   1
_entity_poly.type   'polypeptide(L)'
_entity_poly.pdbx_seq_one_letter_code
;MGSSHHHHHHSSGLVPRGSHMASAVSIPIKNAGFEEPSLTVEDYYTIDTPPGWITYDPNGLVPAKRTRITSNNGVGYTGP
NSAYYNHKAPEGRNVAYVYLAQEIGSGIAGLEQTLDAVLKPNTKYTLTVDIGNSGGSFQGFPLDGFPGYRVELLAGDTVL
AADQNNLYIKEKDFKTTTVTFIATPESPYLGQHLGIRLINPLQGKFSGVDFDNVRLTAEPAET
;
_entity_poly.pdbx_strand_id   A,B,C,D
#
loop_
_chem_comp.id
_chem_comp.type
_chem_comp.name
_chem_comp.formula
BOG D-saccharide 'octyl beta-D-glucopyranoside' 'C14 H28 O6'
CA non-polymer 'CALCIUM ION' 'Ca 2'
TRS non-polymer 2-AMINO-2-HYDROXYMETHYL-PROPANE-1,3-DIOL 'C4 H12 N O3 1'
#
# COMPACT_ATOMS: atom_id res chain seq x y z
N SER A 23 -1.34 30.50 -36.89
CA SER A 23 -2.43 29.48 -37.04
C SER A 23 -1.81 28.07 -37.12
N ALA A 24 -2.34 27.14 -36.30
CA ALA A 24 -1.81 25.78 -36.15
C ALA A 24 -2.25 24.95 -37.35
N VAL A 25 -1.26 24.28 -37.96
CA VAL A 25 -1.42 23.46 -39.12
C VAL A 25 -1.35 21.99 -38.67
N SER A 26 -2.26 21.17 -39.21
CA SER A 26 -2.34 19.73 -38.91
C SER A 26 -1.21 19.04 -39.66
N ILE A 27 -0.49 18.15 -38.97
CA ILE A 27 0.48 17.34 -39.62
C ILE A 27 -0.12 15.98 -39.91
N PRO A 28 -0.12 15.53 -41.18
CA PRO A 28 -0.69 14.23 -41.54
C PRO A 28 -0.03 13.03 -40.82
N ILE A 29 -0.86 12.11 -40.31
CA ILE A 29 -0.46 10.89 -39.64
C ILE A 29 -1.24 9.75 -40.31
N LYS A 30 -0.58 8.62 -40.54
CA LYS A 30 -1.28 7.49 -41.12
C LYS A 30 -2.20 6.86 -40.08
N ASN A 31 -3.47 6.64 -40.47
CA ASN A 31 -4.41 5.83 -39.67
C ASN A 31 -4.46 6.37 -38.24
N ALA A 32 -4.64 7.69 -38.13
CA ALA A 32 -4.42 8.45 -36.91
C ALA A 32 -5.50 8.19 -35.85
N GLY A 33 -6.69 7.75 -36.32
CA GLY A 33 -7.80 7.40 -35.45
C GLY A 33 -8.09 5.92 -35.47
N PHE A 34 -7.16 5.13 -36.05
CA PHE A 34 -7.19 3.67 -36.06
C PHE A 34 -8.48 3.19 -36.73
N GLU A 35 -8.93 3.94 -37.74
CA GLU A 35 -10.21 3.64 -38.41
C GLU A 35 -9.98 2.56 -39.46
N GLU A 36 -8.71 2.19 -39.73
CA GLU A 36 -8.33 1.09 -40.57
C GLU A 36 -7.76 -0.01 -39.70
N PRO A 37 -8.20 -1.26 -39.90
CA PRO A 37 -9.25 -1.64 -40.83
C PRO A 37 -10.69 -1.35 -40.36
N SER A 38 -11.65 -1.35 -41.30
CA SER A 38 -13.08 -1.26 -40.99
C SER A 38 -13.47 -2.53 -40.22
N LEU A 39 -14.16 -2.36 -39.10
CA LEU A 39 -14.65 -3.47 -38.30
C LEU A 39 -16.17 -3.32 -38.08
N THR A 40 -16.81 -4.40 -37.64
CA THR A 40 -18.27 -4.42 -37.44
C THR A 40 -18.51 -4.94 -36.03
N VAL A 41 -19.76 -4.80 -35.55
CA VAL A 41 -20.17 -5.36 -34.24
C VAL A 41 -19.80 -6.85 -34.19
N GLU A 42 -19.83 -7.55 -35.33
CA GLU A 42 -19.57 -8.99 -35.37
C GLU A 42 -18.05 -9.27 -35.33
N ASP A 43 -17.27 -8.58 -36.17
CA ASP A 43 -15.83 -8.78 -36.19
C ASP A 43 -15.25 -7.48 -35.63
N TYR A 44 -15.12 -7.49 -34.29
CA TYR A 44 -14.94 -6.27 -33.51
C TYR A 44 -13.49 -6.06 -33.01
N TYR A 45 -12.53 -6.89 -33.44
CA TYR A 45 -11.11 -6.62 -33.12
C TYR A 45 -10.14 -7.33 -34.08
N THR A 46 -8.90 -6.81 -34.08
CA THR A 46 -7.74 -7.46 -34.64
C THR A 46 -6.75 -7.71 -33.50
N ILE A 47 -5.78 -8.60 -33.73
CA ILE A 47 -4.63 -8.74 -32.84
C ILE A 47 -3.36 -8.41 -33.64
N ASP A 48 -3.48 -7.62 -34.71
CA ASP A 48 -2.29 -7.30 -35.49
C ASP A 48 -2.03 -5.81 -35.35
N THR A 49 -0.75 -5.42 -35.49
CA THR A 49 -0.35 -4.04 -35.46
C THR A 49 -1.24 -3.20 -36.37
N PRO A 50 -1.90 -2.14 -35.89
CA PRO A 50 -2.70 -1.30 -36.78
C PRO A 50 -1.92 -0.87 -38.02
N PRO A 51 -2.56 -0.90 -39.21
CA PRO A 51 -1.97 -0.36 -40.43
C PRO A 51 -1.39 1.05 -40.22
N GLY A 52 -0.20 1.28 -40.78
CA GLY A 52 0.43 2.58 -40.68
C GLY A 52 1.25 2.74 -39.42
N TRP A 53 1.06 1.84 -38.43
CA TRP A 53 1.83 1.87 -37.19
C TRP A 53 2.81 0.70 -37.18
N ILE A 54 3.85 0.84 -36.34
CA ILE A 54 4.82 -0.21 -36.03
C ILE A 54 4.68 -0.60 -34.56
N THR A 55 4.81 -1.90 -34.26
CA THR A 55 4.88 -2.35 -32.89
C THR A 55 6.21 -1.90 -32.27
N TYR A 56 6.14 -1.24 -31.11
CA TYR A 56 7.27 -0.83 -30.30
C TYR A 56 7.39 -1.80 -29.12
N ASP A 57 8.47 -2.58 -29.07
CA ASP A 57 8.59 -3.70 -28.15
C ASP A 57 10.07 -3.84 -27.75
N PRO A 58 10.63 -2.80 -27.09
CA PRO A 58 12.06 -2.78 -26.75
C PRO A 58 12.47 -3.90 -25.77
N ASN A 59 11.52 -4.43 -24.98
CA ASN A 59 11.76 -5.45 -23.94
C ASN A 59 11.19 -6.82 -24.32
N GLY A 60 10.82 -7.01 -25.58
CA GLY A 60 10.38 -8.31 -26.17
C GLY A 60 9.22 -8.97 -25.41
N LEU A 61 8.16 -8.20 -25.15
CA LEU A 61 7.01 -8.68 -24.39
C LEU A 61 5.97 -9.23 -25.36
N VAL A 62 6.01 -8.80 -26.63
CA VAL A 62 4.98 -9.24 -27.61
C VAL A 62 5.52 -10.46 -28.37
N PRO A 63 4.88 -11.63 -28.30
CA PRO A 63 5.43 -12.83 -28.93
C PRO A 63 5.25 -12.77 -30.46
N ALA A 64 6.05 -13.57 -31.16
CA ALA A 64 5.95 -13.70 -32.64
C ALA A 64 4.57 -14.26 -33.00
N LYS A 65 4.12 -15.26 -32.23
CA LYS A 65 2.80 -15.82 -32.33
C LYS A 65 1.89 -15.22 -31.26
N ARG A 66 1.00 -14.34 -31.69
CA ARG A 66 0.05 -13.66 -30.81
C ARG A 66 -1.29 -14.41 -30.78
N THR A 67 -2.00 -14.27 -29.65
CA THR A 67 -3.41 -14.63 -29.52
C THR A 67 -4.10 -13.50 -28.75
N ARG A 68 -5.42 -13.63 -28.54
CA ARG A 68 -6.18 -12.56 -27.91
C ARG A 68 -5.80 -12.47 -26.42
N ILE A 69 -5.22 -13.53 -25.84
CA ILE A 69 -4.74 -13.56 -24.44
C ILE A 69 -3.21 -13.44 -24.31
N THR A 70 -2.44 -13.42 -25.40
CA THR A 70 -1.02 -13.11 -25.25
C THR A 70 -0.91 -11.59 -25.22
N SER A 71 0.30 -11.10 -24.90
CA SER A 71 0.63 -9.70 -25.12
C SER A 71 0.33 -9.40 -26.60
N ASN A 72 -0.26 -8.25 -26.86
CA ASN A 72 -0.66 -7.92 -28.21
C ASN A 72 -1.01 -6.42 -28.33
N ASN A 73 -1.27 -6.03 -29.56
CA ASN A 73 -1.88 -4.74 -29.86
C ASN A 73 -2.79 -4.98 -31.07
N GLY A 74 -3.56 -3.97 -31.42
CA GLY A 74 -4.58 -4.16 -32.42
C GLY A 74 -5.58 -3.02 -32.38
N VAL A 75 -6.68 -3.21 -33.13
CA VAL A 75 -7.75 -2.27 -33.26
C VAL A 75 -8.99 -2.96 -32.68
N GLY A 76 -9.80 -2.17 -31.96
CA GLY A 76 -11.01 -2.62 -31.33
C GLY A 76 -12.20 -1.73 -31.70
N TYR A 77 -13.26 -2.35 -32.24
CA TYR A 77 -14.50 -1.65 -32.54
C TYR A 77 -15.08 -1.24 -31.20
N THR A 78 -15.22 0.06 -30.97
CA THR A 78 -15.69 0.57 -29.74
C THR A 78 -16.95 1.41 -30.02
N GLY A 79 -18.09 0.70 -30.02
CA GLY A 79 -19.38 1.28 -30.36
C GLY A 79 -20.13 1.75 -29.12
N PRO A 80 -21.37 2.26 -29.31
CA PRO A 80 -22.16 2.78 -28.19
C PRO A 80 -22.61 1.73 -27.17
N ASN A 81 -22.54 0.43 -27.50
CA ASN A 81 -22.90 -0.61 -26.54
C ASN A 81 -21.67 -1.46 -26.19
N SER A 82 -20.47 -0.87 -26.28
CA SER A 82 -19.22 -1.51 -25.83
C SER A 82 -19.35 -2.04 -24.40
N ALA A 83 -18.87 -3.27 -24.21
CA ALA A 83 -18.71 -3.84 -22.86
C ALA A 83 -17.71 -3.05 -21.99
N TYR A 84 -16.80 -2.29 -22.61
CA TYR A 84 -15.60 -1.86 -21.91
C TYR A 84 -15.62 -0.37 -21.57
N TYR A 85 -16.56 0.37 -22.19
CA TYR A 85 -16.63 1.82 -22.10
C TYR A 85 -18.10 2.24 -21.96
N ASN A 86 -18.31 3.37 -21.30
CA ASN A 86 -19.63 3.96 -21.09
C ASN A 86 -20.12 4.62 -22.39
N HIS A 87 -19.20 5.18 -23.19
CA HIS A 87 -19.50 5.84 -24.45
C HIS A 87 -18.73 5.16 -25.59
N LYS A 88 -19.14 5.45 -26.83
CA LYS A 88 -18.42 4.94 -27.97
C LYS A 88 -17.03 5.60 -28.08
N ALA A 89 -16.27 5.16 -29.09
CA ALA A 89 -14.95 5.67 -29.40
C ALA A 89 -14.99 7.21 -29.46
N PRO A 90 -13.96 7.89 -28.90
CA PRO A 90 -13.89 9.35 -29.01
C PRO A 90 -13.96 9.79 -30.48
N GLU A 91 -13.41 8.99 -31.40
CA GLU A 91 -13.34 9.33 -32.80
C GLU A 91 -13.71 8.14 -33.67
N GLY A 92 -14.69 8.31 -34.57
CA GLY A 92 -15.01 7.23 -35.50
C GLY A 92 -15.53 6.00 -34.75
N ARG A 93 -15.22 4.82 -35.29
CA ARG A 93 -15.69 3.54 -34.83
C ARG A 93 -14.69 2.78 -33.93
N ASN A 94 -13.40 3.02 -34.10
CA ASN A 94 -12.35 2.11 -33.57
C ASN A 94 -11.39 2.86 -32.65
N VAL A 95 -10.79 2.11 -31.71
CA VAL A 95 -9.64 2.62 -30.94
C VAL A 95 -8.50 1.61 -31.10
N ALA A 96 -7.26 2.02 -30.82
CA ALA A 96 -6.15 1.05 -30.71
C ALA A 96 -6.05 0.57 -29.25
N TYR A 97 -5.53 -0.66 -29.07
CA TYR A 97 -5.22 -1.14 -27.77
C TYR A 97 -3.82 -1.77 -27.72
N VAL A 98 -3.25 -1.72 -26.52
CA VAL A 98 -1.98 -2.35 -26.21
C VAL A 98 -2.22 -3.13 -24.92
N TYR A 99 -2.20 -4.46 -25.01
CA TYR A 99 -2.33 -5.33 -23.85
C TYR A 99 -1.01 -6.06 -23.56
N LEU A 100 -0.58 -6.08 -22.29
CA LEU A 100 0.62 -6.85 -21.90
C LEU A 100 0.24 -7.89 -20.84
N ALA A 101 0.61 -9.15 -21.12
CA ALA A 101 0.25 -10.25 -20.25
C ALA A 101 1.23 -10.42 -19.10
N GLN A 102 2.46 -9.90 -19.27
CA GLN A 102 3.53 -10.14 -18.30
C GLN A 102 3.24 -9.40 -16.98
N GLU A 103 4.00 -9.75 -15.93
CA GLU A 103 3.83 -9.17 -14.60
C GLU A 103 4.16 -7.69 -14.66
N ILE A 104 3.60 -6.94 -13.71
CA ILE A 104 3.92 -5.54 -13.54
C ILE A 104 5.44 -5.40 -13.44
N GLY A 105 5.99 -4.38 -14.11
CA GLY A 105 7.40 -4.07 -14.05
C GLY A 105 8.24 -4.83 -15.07
N SER A 106 7.64 -5.58 -16.00
CA SER A 106 8.41 -6.44 -16.94
C SER A 106 8.99 -5.64 -18.11
N GLY A 107 8.45 -4.46 -18.39
CA GLY A 107 8.91 -3.61 -19.45
C GLY A 107 7.80 -2.72 -19.98
N ILE A 108 8.02 -2.14 -21.14
CA ILE A 108 7.06 -1.23 -21.78
C ILE A 108 6.87 -1.67 -23.23
N ALA A 109 5.69 -1.38 -23.80
CA ALA A 109 5.46 -1.69 -25.20
C ALA A 109 4.33 -0.80 -25.71
N GLY A 110 4.25 -0.67 -27.03
CA GLY A 110 3.22 0.15 -27.62
C GLY A 110 3.30 0.18 -29.13
N LEU A 111 2.98 1.34 -29.69
CA LEU A 111 2.85 1.58 -31.10
C LEU A 111 3.66 2.83 -31.39
N GLU A 112 4.23 2.91 -32.60
CA GLU A 112 4.99 4.07 -32.98
C GLU A 112 4.80 4.31 -34.48
N GLN A 113 5.05 5.54 -34.93
CA GLN A 113 4.92 5.86 -36.30
C GLN A 113 5.88 7.02 -36.59
N THR A 114 6.69 6.85 -37.65
CA THR A 114 7.55 7.89 -38.16
C THR A 114 6.77 8.68 -39.22
N LEU A 115 6.79 10.00 -39.12
CA LEU A 115 6.04 10.85 -40.01
C LEU A 115 6.95 11.36 -41.13
N ASP A 116 6.31 11.84 -42.19
CA ASP A 116 7.01 12.47 -43.30
C ASP A 116 7.50 13.86 -42.89
N ALA A 117 6.71 14.56 -42.05
CA ALA A 117 7.06 15.89 -41.52
C ALA A 117 8.42 15.87 -40.78
N VAL A 118 9.14 17.02 -40.79
CA VAL A 118 10.42 17.14 -40.08
C VAL A 118 10.35 18.29 -39.05
N LEU A 119 11.32 18.28 -38.13
CA LEU A 119 11.36 19.27 -37.04
C LEU A 119 11.80 20.62 -37.59
N LYS A 120 10.98 21.65 -37.39
CA LYS A 120 11.25 23.04 -37.81
C LYS A 120 11.61 23.87 -36.59
N PRO A 121 12.54 24.85 -36.72
CA PRO A 121 12.84 25.82 -35.65
C PRO A 121 11.71 26.83 -35.48
N ASN A 122 11.66 27.49 -34.31
CA ASN A 122 10.61 28.45 -33.92
C ASN A 122 9.23 27.90 -34.25
N THR A 123 9.02 26.64 -33.88
CA THR A 123 7.78 25.95 -34.10
C THR A 123 7.34 25.29 -32.78
N LYS A 124 6.05 25.45 -32.47
CA LYS A 124 5.43 24.76 -31.36
C LYS A 124 4.60 23.60 -31.90
N TYR A 125 4.91 22.41 -31.41
CA TYR A 125 4.26 21.15 -31.73
C TYR A 125 3.31 20.76 -30.60
N THR A 126 2.04 20.47 -30.96
CA THR A 126 1.04 20.02 -30.00
C THR A 126 0.58 18.65 -30.44
N LEU A 127 0.90 17.62 -29.65
CA LEU A 127 0.51 16.26 -29.92
C LEU A 127 -0.64 15.95 -28.95
N THR A 128 -1.84 15.64 -29.47
CA THR A 128 -2.99 15.30 -28.61
C THR A 128 -3.43 13.85 -28.88
N VAL A 129 -3.76 13.12 -27.84
CA VAL A 129 -4.16 11.72 -27.99
C VAL A 129 -5.19 11.42 -26.91
N ASP A 130 -6.24 10.67 -27.26
CA ASP A 130 -7.18 10.24 -26.28
C ASP A 130 -6.71 8.90 -25.70
N ILE A 131 -6.71 8.81 -24.38
CA ILE A 131 -6.31 7.61 -23.65
C ILE A 131 -7.55 6.97 -23.02
N GLY A 132 -7.67 5.65 -23.18
CA GLY A 132 -8.80 4.90 -22.75
C GLY A 132 -8.46 3.91 -21.65
N ASN A 133 -9.18 4.01 -20.52
CA ASN A 133 -9.10 3.04 -19.43
C ASN A 133 -10.28 2.07 -19.55
N SER A 134 -10.11 1.01 -20.36
CA SER A 134 -11.14 0.02 -20.60
C SER A 134 -11.57 -0.58 -19.25
N GLY A 135 -12.87 -0.70 -19.00
CA GLY A 135 -13.31 -1.18 -17.68
C GLY A 135 -14.51 -2.11 -17.72
N GLY A 136 -15.26 -2.12 -16.61
CA GLY A 136 -16.39 -3.01 -16.41
C GLY A 136 -15.97 -4.47 -16.40
N SER A 137 -16.99 -5.32 -16.20
CA SER A 137 -16.86 -6.77 -16.24
C SER A 137 -17.55 -7.25 -17.53
N PHE A 138 -16.94 -8.23 -18.20
CA PHE A 138 -17.53 -8.79 -19.45
C PHE A 138 -17.40 -10.31 -19.38
N GLN A 139 -18.53 -11.03 -19.47
CA GLN A 139 -18.55 -12.50 -19.31
C GLN A 139 -17.79 -12.88 -18.03
N GLY A 140 -18.03 -12.12 -16.96
CA GLY A 140 -17.57 -12.43 -15.59
C GLY A 140 -16.12 -12.05 -15.30
N PHE A 141 -15.42 -11.48 -16.27
CA PHE A 141 -14.01 -11.13 -16.10
C PHE A 141 -13.83 -9.60 -15.96
N PRO A 142 -13.01 -9.13 -14.99
CA PRO A 142 -12.81 -7.70 -14.76
C PRO A 142 -11.63 -7.08 -15.53
N LEU A 143 -11.87 -5.86 -16.05
CA LEU A 143 -10.84 -5.04 -16.67
C LEU A 143 -10.51 -3.88 -15.71
N ASP A 144 -10.90 -4.02 -14.45
CA ASP A 144 -10.60 -3.09 -13.40
C ASP A 144 -9.07 -3.01 -13.21
N GLY A 145 -8.55 -1.80 -12.99
CA GLY A 145 -7.10 -1.54 -12.96
C GLY A 145 -6.60 -1.01 -14.31
N PHE A 146 -5.39 -0.44 -14.30
CA PHE A 146 -4.95 0.32 -15.45
C PHE A 146 -3.43 0.32 -15.47
N PRO A 147 -2.76 0.04 -16.61
CA PRO A 147 -1.30 -0.06 -16.60
C PRO A 147 -0.60 1.29 -16.67
N GLY A 148 -1.37 2.36 -16.88
CA GLY A 148 -0.84 3.69 -17.13
C GLY A 148 -0.61 3.89 -18.61
N TYR A 149 0.01 5.02 -18.96
CA TYR A 149 0.28 5.36 -20.36
C TYR A 149 1.51 6.27 -20.42
N ARG A 150 2.06 6.30 -21.61
CA ARG A 150 3.09 7.32 -21.91
C ARG A 150 2.95 7.69 -23.38
N VAL A 151 2.96 8.95 -23.70
CA VAL A 151 2.94 9.46 -25.02
C VAL A 151 4.24 10.22 -25.23
N GLU A 152 4.95 9.94 -26.34
CA GLU A 152 6.20 10.60 -26.72
C GLU A 152 6.09 11.21 -28.11
N LEU A 153 6.63 12.43 -28.24
CA LEU A 153 6.96 13.05 -29.52
C LEU A 153 8.46 12.91 -29.74
N LEU A 154 8.84 12.38 -30.92
CA LEU A 154 10.19 12.16 -31.27
C LEU A 154 10.62 13.06 -32.44
N ALA A 155 11.95 13.24 -32.56
CA ALA A 155 12.60 13.64 -33.76
C ALA A 155 13.75 12.65 -33.96
N GLY A 156 13.84 12.05 -35.16
CA GLY A 156 14.87 11.01 -35.31
C GLY A 156 14.59 9.91 -34.31
N ASP A 157 15.58 9.44 -33.55
CA ASP A 157 15.17 8.50 -32.48
C ASP A 157 15.34 9.15 -31.09
N THR A 158 15.24 10.48 -31.03
CA THR A 158 15.28 11.23 -29.78
C THR A 158 13.85 11.49 -29.30
N VAL A 159 13.54 11.19 -28.03
CA VAL A 159 12.27 11.61 -27.45
C VAL A 159 12.37 13.10 -27.08
N LEU A 160 11.68 13.96 -27.82
CA LEU A 160 11.76 15.39 -27.57
C LEU A 160 11.00 15.76 -26.29
N ALA A 161 9.81 15.18 -26.15
CA ALA A 161 8.86 15.54 -25.14
C ALA A 161 8.00 14.32 -24.83
N ALA A 162 7.55 14.22 -23.57
CA ALA A 162 6.74 13.07 -23.17
C ALA A 162 5.91 13.39 -21.93
N ASP A 163 4.78 12.68 -21.85
CA ASP A 163 3.87 12.68 -20.71
C ASP A 163 3.66 11.23 -20.31
N GLN A 164 4.02 10.90 -19.06
CA GLN A 164 3.71 9.63 -18.49
C GLN A 164 2.78 9.88 -17.32
N ASN A 165 1.52 9.43 -17.45
CA ASN A 165 0.54 9.37 -16.34
C ASN A 165 0.21 10.71 -15.66
N ASN A 166 0.30 11.86 -16.34
CA ASN A 166 -0.09 13.08 -15.68
C ASN A 166 -1.62 13.15 -15.62
N LEU A 167 -2.28 12.44 -16.53
CA LEU A 167 -3.77 12.41 -16.68
C LEU A 167 -4.24 11.19 -15.88
N TYR A 168 -5.28 11.36 -15.08
CA TYR A 168 -6.00 10.28 -14.49
C TYR A 168 -7.19 9.94 -15.40
N ILE A 169 -7.39 8.66 -15.74
CA ILE A 169 -8.52 8.21 -16.53
C ILE A 169 -9.34 7.18 -15.73
N LYS A 170 -10.61 7.48 -15.45
CA LYS A 170 -11.50 6.59 -14.73
C LYS A 170 -11.79 5.35 -15.58
N GLU A 171 -12.12 4.25 -14.89
CA GLU A 171 -12.60 3.04 -15.54
C GLU A 171 -13.76 3.40 -16.49
N LYS A 172 -13.73 2.84 -17.70
CA LYS A 172 -14.73 2.97 -18.76
C LYS A 172 -14.77 4.37 -19.39
N ASP A 173 -13.70 5.16 -19.20
CA ASP A 173 -13.58 6.50 -19.72
C ASP A 173 -12.40 6.62 -20.69
N PHE A 174 -12.50 7.66 -21.53
CA PHE A 174 -11.43 8.22 -22.36
C PHE A 174 -11.20 9.66 -21.96
N LYS A 175 -9.92 10.04 -21.86
CA LYS A 175 -9.53 11.43 -21.57
C LYS A 175 -8.40 11.83 -22.52
N THR A 176 -8.28 13.13 -22.81
CA THR A 176 -7.32 13.62 -23.78
C THR A 176 -6.07 14.12 -23.04
N THR A 177 -4.90 13.68 -23.51
CA THR A 177 -3.66 14.24 -23.03
C THR A 177 -3.01 15.04 -24.17
N THR A 178 -2.14 15.95 -23.74
CA THR A 178 -1.48 16.90 -24.62
C THR A 178 0.03 16.89 -24.33
N VAL A 179 0.83 16.67 -25.37
CA VAL A 179 2.29 16.78 -25.27
C VAL A 179 2.72 17.95 -26.16
N THR A 180 3.52 18.87 -25.63
CA THR A 180 3.91 20.08 -26.36
C THR A 180 5.44 20.19 -26.38
N PHE A 181 5.97 20.77 -27.45
CA PHE A 181 7.32 20.97 -27.57
C PHE A 181 7.58 22.14 -28.50
N ILE A 182 8.54 22.99 -28.11
CA ILE A 182 9.01 24.07 -28.99
C ILE A 182 10.45 23.79 -29.39
N ALA A 183 10.70 23.80 -30.69
CA ALA A 183 12.04 23.65 -31.23
C ALA A 183 12.65 25.05 -31.46
N THR A 184 13.86 25.25 -30.95
CA THR A 184 14.54 26.53 -31.11
C THR A 184 15.44 26.50 -32.34
N PRO A 185 15.92 27.68 -32.81
CA PRO A 185 16.89 27.71 -33.89
C PRO A 185 18.16 26.93 -33.58
N GLU A 186 18.49 26.72 -32.31
CA GLU A 186 19.74 26.04 -31.87
C GLU A 186 19.52 24.52 -31.67
N SER A 187 18.33 24.03 -31.97
CA SER A 187 18.04 22.62 -31.77
C SER A 187 19.03 21.75 -32.56
N PRO A 188 19.56 20.67 -31.97
CA PRO A 188 20.33 19.70 -32.75
C PRO A 188 19.52 18.79 -33.67
N TYR A 189 18.17 18.84 -33.61
CA TYR A 189 17.35 17.83 -34.30
C TYR A 189 16.59 18.41 -35.50
N LEU A 190 16.91 19.65 -35.89
CA LEU A 190 16.17 20.30 -36.99
C LEU A 190 16.30 19.44 -38.25
N GLY A 191 15.19 19.25 -38.95
CA GLY A 191 15.22 18.47 -40.21
C GLY A 191 15.09 16.97 -40.05
N GLN A 192 15.10 16.46 -38.81
CA GLN A 192 14.91 15.03 -38.52
C GLN A 192 13.42 14.71 -38.52
N HIS A 193 13.05 13.49 -38.94
CA HIS A 193 11.62 13.11 -39.08
C HIS A 193 10.97 13.07 -37.71
N LEU A 194 9.76 13.64 -37.63
CA LEU A 194 8.95 13.56 -36.44
C LEU A 194 8.44 12.13 -36.30
N GLY A 195 8.14 11.78 -35.06
CA GLY A 195 7.61 10.47 -34.72
C GLY A 195 6.71 10.56 -33.50
N ILE A 196 5.93 9.51 -33.28
CA ILE A 196 5.01 9.44 -32.19
C ILE A 196 5.09 8.04 -31.59
N ARG A 197 5.10 7.95 -30.25
CA ARG A 197 4.95 6.64 -29.60
C ARG A 197 3.82 6.71 -28.58
N LEU A 198 3.03 5.64 -28.54
CA LEU A 198 1.92 5.40 -27.65
C LEU A 198 2.26 4.15 -26.85
N ILE A 199 2.49 4.31 -25.54
CA ILE A 199 3.14 3.28 -24.75
C ILE A 199 2.28 2.81 -23.57
N ASN A 200 2.26 1.49 -23.38
CA ASN A 200 1.79 0.82 -22.19
C ASN A 200 3.01 0.53 -21.31
N PRO A 201 3.16 1.21 -20.16
CA PRO A 201 4.34 1.03 -19.31
C PRO A 201 4.22 -0.09 -18.28
N LEU A 202 3.09 -0.81 -18.29
CA LEU A 202 2.83 -2.03 -17.47
C LEU A 202 3.07 -1.70 -16.00
N GLN A 203 2.38 -0.67 -15.51
CA GLN A 203 2.47 -0.21 -14.11
C GLN A 203 1.17 -0.46 -13.34
N GLY A 204 0.43 -1.49 -13.75
CA GLY A 204 -0.78 -1.91 -13.08
C GLY A 204 -1.52 -2.96 -13.90
N LYS A 205 -2.40 -3.69 -13.22
CA LYS A 205 -3.27 -4.69 -13.79
C LYS A 205 -4.69 -4.34 -13.38
N PHE A 206 -5.67 -4.51 -14.27
CA PHE A 206 -5.56 -5.06 -15.62
C PHE A 206 -4.68 -4.20 -16.52
N SER A 207 -3.90 -4.86 -17.41
CA SER A 207 -2.78 -4.17 -18.04
C SER A 207 -3.03 -3.96 -19.52
N GLY A 208 -4.24 -3.43 -19.84
CA GLY A 208 -4.60 -2.96 -21.18
C GLY A 208 -4.88 -1.47 -21.14
N VAL A 209 -4.41 -0.74 -22.15
CA VAL A 209 -4.67 0.68 -22.33
C VAL A 209 -4.97 0.92 -23.82
N ASP A 210 -5.91 1.82 -24.08
CA ASP A 210 -6.37 2.12 -25.43
C ASP A 210 -6.00 3.55 -25.79
N PHE A 211 -5.93 3.81 -27.09
CA PHE A 211 -5.61 5.16 -27.64
C PHE A 211 -6.54 5.45 -28.84
N ASP A 212 -6.82 6.72 -29.08
CA ASP A 212 -7.59 7.10 -30.23
C ASP A 212 -7.28 8.53 -30.62
N ASN A 213 -7.61 8.88 -31.87
CA ASN A 213 -7.68 10.26 -32.36
C ASN A 213 -6.35 10.99 -32.14
N VAL A 214 -5.26 10.40 -32.61
CA VAL A 214 -3.97 11.07 -32.58
C VAL A 214 -3.95 12.26 -33.54
N ARG A 215 -3.57 13.45 -33.01
CA ARG A 215 -3.45 14.64 -33.80
C ARG A 215 -2.14 15.34 -33.43
N LEU A 216 -1.52 15.94 -34.43
CA LEU A 216 -0.30 16.69 -34.23
C LEU A 216 -0.41 17.98 -35.04
N THR A 217 -0.22 19.11 -34.38
CA THR A 217 -0.18 20.40 -35.05
C THR A 217 1.15 21.12 -34.85
N ALA A 218 1.49 21.97 -35.81
CA ALA A 218 2.64 22.87 -35.77
C ALA A 218 2.12 24.30 -35.93
N GLU A 219 2.68 25.20 -35.14
CA GLU A 219 2.41 26.61 -35.29
C GLU A 219 3.67 27.41 -34.99
N PRO A 220 3.83 28.60 -35.61
CA PRO A 220 4.93 29.50 -35.24
C PRO A 220 4.95 29.77 -33.72
N ALA A 221 6.16 29.77 -33.15
CA ALA A 221 6.33 30.07 -31.77
C ALA A 221 7.36 31.19 -31.65
N GLU A 222 7.17 32.05 -30.65
CA GLU A 222 8.16 32.99 -30.18
C GLU A 222 9.22 32.22 -29.38
N THR A 223 10.45 32.26 -29.88
CA THR A 223 11.60 31.61 -29.29
C THR A 223 12.83 32.09 -30.06
N SER B 23 -15.21 -11.16 -6.78
CA SER B 23 -15.84 -11.99 -5.71
C SER B 23 -14.74 -12.48 -4.75
N ALA B 24 -15.02 -13.51 -3.94
CA ALA B 24 -13.97 -14.12 -3.08
C ALA B 24 -12.86 -14.70 -3.96
N VAL B 25 -11.60 -14.45 -3.58
CA VAL B 25 -10.45 -14.93 -4.34
C VAL B 25 -9.55 -15.71 -3.34
N SER B 26 -9.10 -16.91 -3.73
CA SER B 26 -8.28 -17.72 -2.90
C SER B 26 -6.84 -17.26 -3.01
N ILE B 27 -6.21 -17.02 -1.86
CA ILE B 27 -4.79 -16.63 -1.82
C ILE B 27 -3.98 -17.89 -1.58
N PRO B 28 -2.96 -18.16 -2.44
CA PRO B 28 -2.12 -19.34 -2.32
C PRO B 28 -1.26 -19.36 -1.05
N ILE B 29 -1.22 -20.54 -0.42
CA ILE B 29 -0.45 -20.85 0.75
C ILE B 29 0.30 -22.14 0.45
N LYS B 30 1.60 -22.19 0.80
CA LYS B 30 2.39 -23.37 0.60
C LYS B 30 1.98 -24.46 1.59
N ASN B 31 1.80 -25.69 1.11
CA ASN B 31 1.53 -26.82 2.00
C ASN B 31 0.46 -26.43 3.03
N ALA B 32 -0.66 -25.91 2.53
CA ALA B 32 -1.72 -25.31 3.35
C ALA B 32 -2.43 -26.36 4.23
N GLY B 33 -2.47 -27.61 3.78
CA GLY B 33 -3.10 -28.67 4.54
C GLY B 33 -2.11 -29.66 5.10
N PHE B 34 -0.82 -29.28 5.11
CA PHE B 34 0.26 -30.10 5.69
C PHE B 34 0.31 -31.48 5.04
N GLU B 35 -0.07 -31.57 3.77
CA GLU B 35 -0.08 -32.84 3.04
C GLU B 35 1.33 -33.27 2.61
N GLU B 36 2.32 -32.38 2.76
CA GLU B 36 3.76 -32.63 2.57
C GLU B 36 4.45 -32.67 3.92
N PRO B 37 5.25 -33.70 4.22
CA PRO B 37 5.51 -34.86 3.36
C PRO B 37 4.35 -35.88 3.37
N SER B 38 4.37 -36.76 2.37
CA SER B 38 3.49 -37.93 2.31
C SER B 38 3.89 -38.87 3.45
N LEU B 39 2.92 -39.41 4.18
CA LEU B 39 3.18 -40.36 5.26
C LEU B 39 2.24 -41.58 5.16
N THR B 40 2.54 -42.55 6.03
CA THR B 40 1.89 -43.86 6.08
C THR B 40 1.56 -44.25 7.53
N VAL B 41 0.90 -45.39 7.70
CA VAL B 41 0.62 -46.00 9.01
C VAL B 41 1.94 -46.29 9.76
N GLU B 42 2.98 -46.75 9.06
CA GLU B 42 4.24 -47.15 9.70
C GLU B 42 5.11 -45.92 9.98
N ASP B 43 5.05 -44.97 9.04
CA ASP B 43 5.85 -43.75 9.02
C ASP B 43 4.87 -42.58 9.18
N TYR B 44 4.38 -42.38 10.42
CA TYR B 44 3.12 -41.65 10.68
C TYR B 44 3.38 -40.24 11.24
N TYR B 45 4.63 -39.83 11.45
CA TYR B 45 4.83 -38.46 11.94
C TYR B 45 6.22 -37.93 11.57
N THR B 46 6.39 -36.62 11.70
CA THR B 46 7.70 -35.99 11.66
C THR B 46 7.87 -35.16 12.93
N ILE B 47 9.11 -34.73 13.18
CA ILE B 47 9.49 -33.79 14.21
C ILE B 47 10.19 -32.59 13.57
N ASP B 48 10.11 -32.49 12.24
CA ASP B 48 10.68 -31.36 11.53
C ASP B 48 9.57 -30.37 11.17
N THR B 49 9.86 -29.07 11.21
CA THR B 49 8.93 -28.05 10.68
C THR B 49 8.32 -28.50 9.36
N PRO B 50 6.98 -28.43 9.21
CA PRO B 50 6.37 -28.72 7.93
C PRO B 50 6.93 -27.90 6.77
N PRO B 51 7.22 -28.56 5.62
CA PRO B 51 7.63 -27.85 4.41
C PRO B 51 6.76 -26.64 4.07
N GLY B 52 7.39 -25.51 3.79
CA GLY B 52 6.72 -24.29 3.39
C GLY B 52 6.36 -23.39 4.57
N TRP B 53 6.51 -23.93 5.79
CA TRP B 53 6.29 -23.19 7.00
C TRP B 53 7.62 -22.97 7.72
N ILE B 54 7.62 -22.04 8.67
CA ILE B 54 8.76 -21.75 9.50
C ILE B 54 8.33 -21.81 10.98
N THR B 55 9.26 -22.25 11.83
CA THR B 55 9.03 -22.30 13.27
C THR B 55 9.00 -20.87 13.83
N TYR B 56 7.88 -20.56 14.47
CA TYR B 56 7.73 -19.33 15.21
C TYR B 56 8.11 -19.65 16.66
N ASP B 57 9.28 -19.19 17.10
CA ASP B 57 9.75 -19.56 18.42
C ASP B 57 10.44 -18.37 19.08
N PRO B 58 9.68 -17.33 19.45
CA PRO B 58 10.26 -16.12 20.00
C PRO B 58 11.03 -16.38 21.31
N ASN B 59 10.66 -17.42 22.08
CA ASN B 59 11.19 -17.60 23.44
C ASN B 59 12.16 -18.78 23.51
N GLY B 60 12.70 -19.20 22.37
CA GLY B 60 13.58 -20.37 22.29
C GLY B 60 13.05 -21.54 23.12
N LEU B 61 11.71 -21.61 23.18
CA LEU B 61 11.02 -22.75 23.78
C LEU B 61 11.33 -23.97 22.91
N VAL B 62 11.59 -23.75 21.62
CA VAL B 62 11.82 -24.85 20.69
C VAL B 62 13.32 -24.93 20.46
N PRO B 63 13.94 -26.05 20.90
CA PRO B 63 15.39 -26.13 20.97
C PRO B 63 15.90 -26.48 19.56
N ALA B 64 17.09 -25.97 19.23
CA ALA B 64 17.75 -26.33 17.98
C ALA B 64 17.81 -27.86 17.84
N LYS B 65 18.06 -28.56 18.97
CA LYS B 65 18.17 -30.03 19.00
C LYS B 65 16.82 -30.64 19.47
N ARG B 66 15.99 -31.06 18.51
CA ARG B 66 14.64 -31.57 18.80
C ARG B 66 14.63 -33.11 18.80
N THR B 67 13.98 -33.67 19.83
CA THR B 67 13.60 -35.07 19.91
C THR B 67 12.06 -35.17 19.91
N ARG B 68 11.52 -36.39 19.97
CA ARG B 68 10.09 -36.62 20.19
C ARG B 68 9.69 -36.11 21.60
N ILE B 69 10.62 -36.07 22.56
CA ILE B 69 10.34 -35.70 23.97
C ILE B 69 10.35 -34.19 24.17
N THR B 70 11.15 -33.45 23.38
CA THR B 70 11.31 -31.99 23.53
C THR B 70 10.12 -31.27 22.91
N SER B 71 10.01 -29.97 23.21
CA SER B 71 9.18 -29.06 22.45
C SER B 71 9.50 -29.29 20.96
N ASN B 72 8.47 -29.47 20.14
CA ASN B 72 8.66 -29.66 18.70
C ASN B 72 7.37 -29.34 17.93
N ASN B 73 7.44 -29.52 16.61
CA ASN B 73 6.32 -29.35 15.69
C ASN B 73 6.56 -30.27 14.50
N GLY B 74 5.51 -30.51 13.71
CA GLY B 74 5.61 -31.51 12.66
C GLY B 74 4.28 -31.78 11.99
N VAL B 75 4.26 -32.87 11.22
CA VAL B 75 3.12 -33.36 10.53
C VAL B 75 2.84 -34.78 11.06
N GLY B 76 1.55 -35.12 11.16
CA GLY B 76 1.14 -36.44 11.61
C GLY B 76 0.03 -36.98 10.73
N TYR B 77 0.15 -38.25 10.34
CA TYR B 77 -0.88 -38.93 9.60
C TYR B 77 -2.08 -39.14 10.52
N THR B 78 -3.27 -38.74 10.08
CA THR B 78 -4.49 -38.82 10.85
C THR B 78 -5.57 -39.53 10.02
N GLY B 79 -5.61 -40.87 10.16
CA GLY B 79 -6.54 -41.74 9.47
C GLY B 79 -7.89 -41.83 10.17
N PRO B 80 -8.86 -42.60 9.61
CA PRO B 80 -10.22 -42.70 10.16
C PRO B 80 -10.41 -43.57 11.42
N ASN B 81 -9.34 -44.18 11.90
CA ASN B 81 -9.37 -44.99 13.13
C ASN B 81 -8.15 -44.56 13.97
N SER B 82 -7.94 -43.24 14.10
CA SER B 82 -6.73 -42.66 14.72
C SER B 82 -6.81 -42.83 16.24
N ALA B 83 -5.67 -43.00 16.92
CA ALA B 83 -5.67 -43.02 18.38
C ALA B 83 -6.08 -41.68 19.00
N TYR B 84 -5.95 -40.57 18.25
CA TYR B 84 -6.01 -39.23 18.88
C TYR B 84 -7.27 -38.45 18.51
N TYR B 85 -8.05 -38.92 17.52
CA TYR B 85 -9.16 -38.15 16.97
C TYR B 85 -10.33 -39.08 16.69
N ASN B 86 -11.54 -38.54 16.82
CA ASN B 86 -12.77 -39.23 16.55
C ASN B 86 -12.94 -39.48 15.06
N HIS B 87 -12.39 -38.61 14.21
CA HIS B 87 -12.49 -38.74 12.76
C HIS B 87 -11.13 -38.53 12.12
N LYS B 88 -11.07 -38.81 10.82
CA LYS B 88 -9.85 -38.55 10.06
C LYS B 88 -9.56 -37.04 9.96
N ALA B 89 -8.36 -36.73 9.47
CA ALA B 89 -7.93 -35.36 9.20
C ALA B 89 -9.06 -34.57 8.55
N PRO B 90 -9.29 -33.31 8.97
CA PRO B 90 -10.24 -32.44 8.28
C PRO B 90 -10.04 -32.39 6.76
N GLU B 91 -8.80 -32.49 6.28
CA GLU B 91 -8.45 -32.33 4.88
C GLU B 91 -7.31 -33.30 4.57
N GLY B 92 -7.45 -34.09 3.49
CA GLY B 92 -6.35 -35.01 3.15
C GLY B 92 -6.03 -36.04 4.22
N ARG B 93 -4.75 -36.38 4.32
CA ARG B 93 -4.30 -37.42 5.16
C ARG B 93 -3.67 -36.86 6.47
N ASN B 94 -3.14 -35.63 6.45
CA ASN B 94 -2.28 -35.17 7.55
C ASN B 94 -2.81 -33.90 8.23
N VAL B 95 -2.25 -33.66 9.42
CA VAL B 95 -2.36 -32.43 10.17
C VAL B 95 -0.96 -32.04 10.68
N ALA B 96 -0.83 -30.77 11.06
CA ALA B 96 0.30 -30.19 11.68
C ALA B 96 0.07 -30.24 13.17
N TYR B 97 1.15 -30.42 13.95
CA TYR B 97 1.06 -30.30 15.40
C TYR B 97 2.14 -29.34 15.92
N VAL B 98 1.87 -28.72 17.08
CA VAL B 98 2.82 -27.91 17.85
C VAL B 98 2.80 -28.39 19.31
N TYR B 99 3.91 -28.98 19.76
CA TYR B 99 4.02 -29.43 21.15
C TYR B 99 5.10 -28.62 21.91
N LEU B 100 4.74 -28.23 23.13
CA LEU B 100 5.67 -27.51 24.00
C LEU B 100 5.79 -28.27 25.32
N ALA B 101 7.04 -28.59 25.67
CA ALA B 101 7.44 -29.39 26.83
C ALA B 101 7.51 -28.54 28.09
N GLN B 102 7.80 -27.25 27.95
CA GLN B 102 8.04 -26.37 29.08
C GLN B 102 6.73 -26.21 29.86
N GLU B 103 6.86 -25.70 31.09
CA GLU B 103 5.71 -25.54 31.98
C GLU B 103 4.84 -24.37 31.51
N ILE B 104 3.56 -24.43 31.92
CA ILE B 104 2.55 -23.51 31.44
C ILE B 104 3.04 -22.10 31.81
N GLY B 105 2.93 -21.17 30.86
CA GLY B 105 3.33 -19.81 31.10
C GLY B 105 4.74 -19.50 30.63
N SER B 106 5.49 -20.46 30.08
CA SER B 106 6.87 -20.22 29.69
C SER B 106 6.95 -19.35 28.40
N GLY B 107 5.84 -19.18 27.69
CA GLY B 107 5.88 -18.50 26.39
C GLY B 107 4.91 -19.11 25.38
N ILE B 108 5.07 -18.69 24.11
CA ILE B 108 4.28 -19.22 22.98
C ILE B 108 5.20 -19.71 21.86
N ALA B 109 4.68 -20.61 21.01
CA ALA B 109 5.39 -21.00 19.81
C ALA B 109 4.38 -21.57 18.81
N GLY B 110 4.82 -21.70 17.54
CA GLY B 110 3.93 -22.23 16.56
C GLY B 110 4.58 -22.28 15.20
N LEU B 111 3.74 -22.08 14.18
CA LEU B 111 4.11 -22.18 12.78
C LEU B 111 3.76 -20.85 12.14
N GLU B 112 4.59 -20.38 11.20
CA GLU B 112 4.26 -19.15 10.49
C GLU B 112 4.66 -19.29 9.02
N GLN B 113 4.02 -18.48 8.17
CA GLN B 113 4.34 -18.44 6.77
C GLN B 113 4.03 -17.05 6.21
N THR B 114 5.03 -16.50 5.50
CA THR B 114 4.92 -15.28 4.76
C THR B 114 4.48 -15.62 3.34
N LEU B 115 3.44 -14.95 2.86
CA LEU B 115 2.88 -15.24 1.58
C LEU B 115 3.41 -14.22 0.57
N ASP B 116 3.17 -14.55 -0.70
CA ASP B 116 3.51 -13.69 -1.84
C ASP B 116 2.50 -12.54 -1.93
N ALA B 117 1.24 -12.79 -1.58
CA ALA B 117 0.21 -11.73 -1.64
C ALA B 117 0.57 -10.59 -0.68
N VAL B 118 0.09 -9.39 -1.01
CA VAL B 118 0.28 -8.18 -0.23
C VAL B 118 -1.07 -7.61 0.16
N LEU B 119 -1.06 -6.79 1.22
CA LEU B 119 -2.24 -6.19 1.75
C LEU B 119 -2.75 -5.14 0.77
N LYS B 120 -4.05 -5.18 0.47
CA LYS B 120 -4.65 -4.32 -0.51
C LYS B 120 -5.83 -3.61 0.15
N PRO B 121 -6.04 -2.33 -0.16
CA PRO B 121 -7.10 -1.56 0.49
C PRO B 121 -8.48 -2.00 -0.02
N ASN B 122 -9.55 -1.66 0.71
CA ASN B 122 -10.97 -1.96 0.33
C ASN B 122 -11.16 -3.47 0.16
N THR B 123 -10.52 -4.23 1.05
CA THR B 123 -10.47 -5.66 0.91
C THR B 123 -10.73 -6.32 2.26
N LYS B 124 -11.60 -7.34 2.23
CA LYS B 124 -11.88 -8.19 3.38
C LYS B 124 -11.15 -9.51 3.22
N TYR B 125 -10.30 -9.81 4.22
CA TYR B 125 -9.57 -11.06 4.27
C TYR B 125 -10.25 -11.97 5.28
N THR B 126 -10.33 -13.25 4.90
CA THR B 126 -10.92 -14.32 5.69
C THR B 126 -9.90 -15.48 5.77
N LEU B 127 -9.35 -15.64 6.97
CA LEU B 127 -8.40 -16.71 7.28
C LEU B 127 -9.15 -17.80 8.07
N THR B 128 -9.25 -19.00 7.51
CA THR B 128 -9.96 -20.13 8.11
C THR B 128 -8.95 -21.25 8.39
N VAL B 129 -8.99 -21.83 9.60
CA VAL B 129 -8.11 -22.92 9.90
C VAL B 129 -8.84 -23.82 10.90
N ASP B 130 -8.60 -25.12 10.76
CA ASP B 130 -9.12 -26.13 11.68
C ASP B 130 -8.12 -26.33 12.84
N ILE B 131 -8.65 -26.31 14.07
CA ILE B 131 -7.88 -26.50 15.26
C ILE B 131 -8.25 -27.85 15.88
N GLY B 132 -7.24 -28.62 16.24
CA GLY B 132 -7.43 -29.95 16.80
C GLY B 132 -6.93 -30.08 18.22
N ASN B 133 -7.78 -30.66 19.06
CA ASN B 133 -7.48 -31.03 20.44
C ASN B 133 -7.27 -32.54 20.46
N SER B 134 -6.00 -32.97 20.28
CA SER B 134 -5.65 -34.36 20.21
C SER B 134 -5.98 -35.02 21.54
N GLY B 135 -6.60 -36.19 21.48
CA GLY B 135 -6.96 -36.93 22.65
C GLY B 135 -6.30 -38.28 22.67
N GLY B 136 -6.94 -39.23 23.37
CA GLY B 136 -6.37 -40.52 23.47
C GLY B 136 -5.10 -40.49 24.30
N SER B 137 -4.15 -41.36 23.93
CA SER B 137 -2.91 -41.54 24.67
C SER B 137 -1.85 -42.17 23.76
N PHE B 138 -0.60 -42.03 24.20
CA PHE B 138 0.56 -42.69 23.62
C PHE B 138 1.40 -43.26 24.76
N GLN B 139 1.81 -44.52 24.67
CA GLN B 139 2.79 -45.05 25.61
C GLN B 139 2.17 -45.05 27.01
N GLY B 140 0.83 -45.08 27.07
CA GLY B 140 0.09 -44.85 28.31
C GLY B 140 0.26 -43.44 28.89
N PHE B 141 0.76 -42.50 28.07
CA PHE B 141 0.86 -41.06 28.36
C PHE B 141 -0.38 -40.37 27.80
N PRO B 142 -1.29 -39.86 28.65
CA PRO B 142 -2.57 -39.30 28.16
C PRO B 142 -2.42 -37.93 27.50
N LEU B 143 -3.20 -37.69 26.43
CA LEU B 143 -3.18 -36.41 25.73
C LEU B 143 -4.36 -35.56 26.20
N ASP B 144 -5.05 -35.97 27.27
CA ASP B 144 -6.07 -35.17 27.95
C ASP B 144 -5.52 -33.80 28.34
N GLY B 145 -6.36 -32.77 28.15
CA GLY B 145 -5.95 -31.37 28.29
C GLY B 145 -5.48 -30.78 26.98
N PHE B 146 -5.25 -29.46 26.99
CA PHE B 146 -5.14 -28.68 25.76
C PHE B 146 -4.52 -27.33 26.13
N PRO B 147 -3.55 -26.85 25.33
CA PRO B 147 -2.83 -25.62 25.69
C PRO B 147 -3.46 -24.33 25.16
N GLY B 148 -4.60 -24.48 24.51
CA GLY B 148 -5.23 -23.35 23.84
C GLY B 148 -4.67 -23.17 22.44
N TYR B 149 -5.13 -22.14 21.74
CA TYR B 149 -4.62 -21.81 20.43
C TYR B 149 -4.72 -20.31 20.19
N ARG B 150 -3.98 -19.87 19.07
CA ARG B 150 -4.12 -18.48 18.60
C ARG B 150 -3.80 -18.48 17.11
N VAL B 151 -4.71 -17.97 16.36
CA VAL B 151 -4.54 -17.76 14.98
C VAL B 151 -4.37 -16.26 14.71
N GLU B 152 -3.39 -15.91 13.87
CA GLU B 152 -2.98 -14.54 13.57
C GLU B 152 -2.89 -14.35 12.05
N LEU B 153 -3.44 -13.22 11.57
CA LEU B 153 -3.24 -12.75 10.22
C LEU B 153 -2.28 -11.55 10.31
N LEU B 154 -1.23 -11.57 9.50
CA LEU B 154 -0.14 -10.57 9.50
C LEU B 154 -0.08 -9.79 8.18
N ALA B 155 0.43 -8.56 8.30
CA ALA B 155 1.06 -7.80 7.23
C ALA B 155 2.45 -7.40 7.73
N GLY B 156 3.47 -7.73 6.94
CA GLY B 156 4.85 -7.58 7.40
C GLY B 156 5.02 -8.24 8.76
N ASP B 157 5.40 -7.44 9.75
CA ASP B 157 5.73 -7.92 11.09
C ASP B 157 4.54 -7.69 12.03
N THR B 158 3.42 -7.20 11.51
CA THR B 158 2.35 -6.70 12.33
C THR B 158 1.19 -7.71 12.35
N VAL B 159 0.63 -7.94 13.55
CA VAL B 159 -0.57 -8.76 13.68
C VAL B 159 -1.78 -7.89 13.41
N LEU B 160 -2.43 -8.10 12.27
CA LEU B 160 -3.60 -7.30 11.87
C LEU B 160 -4.82 -7.71 12.69
N ALA B 161 -5.06 -9.01 12.77
CA ALA B 161 -6.19 -9.56 13.45
C ALA B 161 -5.82 -10.91 14.05
N ALA B 162 -6.48 -11.26 15.14
CA ALA B 162 -6.21 -12.53 15.77
C ALA B 162 -7.45 -13.03 16.50
N ASP B 163 -7.49 -14.34 16.69
CA ASP B 163 -8.39 -15.08 17.57
C ASP B 163 -7.54 -15.94 18.51
N GLN B 164 -7.68 -15.70 19.82
CA GLN B 164 -7.13 -16.61 20.82
C GLN B 164 -8.27 -17.23 21.63
N ASN B 165 -8.47 -18.54 21.44
CA ASN B 165 -9.32 -19.43 22.27
C ASN B 165 -10.81 -19.08 22.27
N ASN B 166 -11.28 -18.36 21.27
CA ASN B 166 -12.74 -18.04 21.22
C ASN B 166 -13.58 -19.32 21.02
N LEU B 167 -12.98 -20.29 20.34
CA LEU B 167 -13.57 -21.59 20.05
C LEU B 167 -13.16 -22.56 21.16
N TYR B 168 -14.14 -23.35 21.63
CA TYR B 168 -13.87 -24.46 22.51
C TYR B 168 -13.77 -25.75 21.67
N ILE B 169 -12.69 -26.51 21.86
CA ILE B 169 -12.50 -27.75 21.08
C ILE B 169 -12.38 -28.93 22.04
N LYS B 170 -13.33 -29.85 21.95
CA LYS B 170 -13.32 -31.06 22.76
C LYS B 170 -12.14 -31.96 22.41
N GLU B 171 -11.85 -32.84 23.35
CA GLU B 171 -10.81 -33.88 23.15
C GLU B 171 -11.26 -34.71 21.94
N LYS B 172 -10.30 -35.00 21.07
CA LYS B 172 -10.44 -35.81 19.87
C LYS B 172 -11.25 -35.12 18.77
N ASP B 173 -11.48 -33.81 18.90
CA ASP B 173 -12.18 -33.09 17.86
C ASP B 173 -11.28 -32.06 17.18
N PHE B 174 -11.69 -31.72 15.95
CA PHE B 174 -11.26 -30.50 15.25
C PHE B 174 -12.45 -29.55 15.12
N LYS B 175 -12.21 -28.25 15.28
CA LYS B 175 -13.24 -27.26 14.96
C LYS B 175 -12.60 -26.17 14.09
N THR B 176 -13.44 -25.52 13.28
CA THR B 176 -13.00 -24.48 12.33
C THR B 176 -13.08 -23.10 12.97
N THR B 177 -11.98 -22.34 12.94
CA THR B 177 -12.07 -20.93 13.33
C THR B 177 -11.83 -20.04 12.11
N THR B 178 -12.29 -18.80 12.24
CA THR B 178 -12.14 -17.80 11.18
C THR B 178 -11.63 -16.50 11.82
N VAL B 179 -10.64 -15.91 11.15
CA VAL B 179 -10.11 -14.61 11.47
C VAL B 179 -10.39 -13.75 10.25
N THR B 180 -10.95 -12.56 10.51
CA THR B 180 -11.36 -11.64 9.47
C THR B 180 -10.70 -10.29 9.69
N PHE B 181 -10.45 -9.58 8.59
CA PHE B 181 -9.88 -8.30 8.65
C PHE B 181 -10.20 -7.50 7.40
N ILE B 182 -10.60 -6.23 7.58
CA ILE B 182 -10.74 -5.28 6.46
C ILE B 182 -9.64 -4.22 6.51
N ALA B 183 -8.93 -4.09 5.39
CA ALA B 183 -7.96 -3.06 5.17
C ALA B 183 -8.63 -1.87 4.46
N THR B 184 -8.49 -0.69 5.05
CA THR B 184 -9.06 0.52 4.53
C THR B 184 -8.01 1.24 3.72
N PRO B 185 -8.40 2.22 2.88
CA PRO B 185 -7.42 3.07 2.21
C PRO B 185 -6.44 3.80 3.13
N GLU B 186 -6.77 3.94 4.43
CA GLU B 186 -5.89 4.63 5.40
C GLU B 186 -4.94 3.68 6.13
N SER B 187 -5.04 2.36 5.89
CA SER B 187 -4.17 1.41 6.53
C SER B 187 -2.71 1.80 6.32
N PRO B 188 -1.87 1.72 7.37
CA PRO B 188 -0.44 1.95 7.19
C PRO B 188 0.34 0.72 6.71
N TYR B 189 -0.34 -0.37 6.37
CA TYR B 189 0.31 -1.65 6.11
C TYR B 189 0.09 -2.07 4.66
N LEU B 190 -0.53 -1.19 3.85
CA LEU B 190 -0.76 -1.52 2.44
C LEU B 190 0.57 -1.88 1.75
N GLY B 191 0.50 -2.90 0.91
CA GLY B 191 1.65 -3.33 0.14
C GLY B 191 2.60 -4.24 0.90
N GLN B 192 2.35 -4.52 2.18
CA GLN B 192 3.21 -5.40 2.95
C GLN B 192 2.74 -6.85 2.78
N HIS B 193 3.69 -7.79 2.90
CA HIS B 193 3.38 -9.19 2.62
C HIS B 193 2.48 -9.76 3.72
N LEU B 194 1.44 -10.48 3.29
CA LEU B 194 0.53 -11.14 4.19
C LEU B 194 1.26 -12.32 4.86
N GLY B 195 0.82 -12.67 6.07
CA GLY B 195 1.39 -13.78 6.77
C GLY B 195 0.37 -14.44 7.68
N ILE B 196 0.68 -15.65 8.10
CA ILE B 196 -0.19 -16.49 8.90
C ILE B 196 0.65 -17.05 10.04
N ARG B 197 0.10 -16.98 11.26
CA ARG B 197 0.72 -17.70 12.37
C ARG B 197 -0.33 -18.60 13.04
N LEU B 198 0.12 -19.78 13.39
CA LEU B 198 -0.64 -20.80 14.13
C LEU B 198 0.13 -21.06 15.42
N ILE B 199 -0.46 -20.65 16.56
CA ILE B 199 0.28 -20.57 17.83
C ILE B 199 -0.32 -21.48 18.90
N ASN B 200 0.61 -22.17 19.57
CA ASN B 200 0.41 -22.88 20.85
C ASN B 200 0.76 -21.89 21.95
N PRO B 201 -0.22 -21.35 22.70
CA PRO B 201 0.10 -20.40 23.78
C PRO B 201 0.43 -20.98 25.16
N LEU B 202 0.51 -22.31 25.25
CA LEU B 202 1.00 -23.03 26.42
C LEU B 202 0.22 -22.61 27.67
N GLN B 203 -1.09 -22.78 27.64
CA GLN B 203 -1.95 -22.37 28.72
C GLN B 203 -2.61 -23.57 29.41
N GLY B 204 -2.04 -24.76 29.21
CA GLY B 204 -2.56 -25.99 29.74
C GLY B 204 -1.76 -27.18 29.28
N LYS B 205 -1.97 -28.31 29.97
CA LYS B 205 -1.34 -29.59 29.64
C LYS B 205 -2.42 -30.67 29.58
N PHE B 206 -2.31 -31.68 28.70
CA PHE B 206 -1.29 -31.90 27.69
C PHE B 206 -1.13 -30.69 26.77
N SER B 207 0.13 -30.29 26.53
CA SER B 207 0.35 -29.04 25.81
C SER B 207 0.69 -29.24 24.32
N GLY B 208 -0.12 -30.02 23.61
CA GLY B 208 -0.10 -30.15 22.14
C GLY B 208 -1.41 -29.71 21.50
N VAL B 209 -1.29 -28.98 20.39
CA VAL B 209 -2.44 -28.47 19.60
C VAL B 209 -2.11 -28.74 18.14
N ASP B 210 -3.13 -29.10 17.34
CA ASP B 210 -2.97 -29.43 15.96
C ASP B 210 -3.73 -28.45 15.06
N PHE B 211 -3.36 -28.45 13.78
CA PHE B 211 -3.91 -27.52 12.80
C PHE B 211 -4.03 -28.23 11.44
N ASP B 212 -5.05 -27.86 10.66
CA ASP B 212 -5.21 -28.39 9.31
C ASP B 212 -5.97 -27.39 8.45
N ASN B 213 -5.87 -27.57 7.13
CA ASN B 213 -6.72 -26.97 6.14
C ASN B 213 -6.76 -25.44 6.29
N VAL B 214 -5.58 -24.83 6.15
CA VAL B 214 -5.44 -23.40 6.20
C VAL B 214 -5.90 -22.80 4.88
N ARG B 215 -6.81 -21.80 5.01
CA ARG B 215 -7.37 -21.15 3.81
C ARG B 215 -7.41 -19.65 4.06
N LEU B 216 -7.12 -18.87 3.01
CA LEU B 216 -7.20 -17.42 3.07
C LEU B 216 -7.85 -16.90 1.79
N THR B 217 -8.91 -16.09 1.92
CA THR B 217 -9.52 -15.44 0.78
C THR B 217 -9.48 -13.91 0.96
N ALA B 218 -9.58 -13.21 -0.17
CA ALA B 218 -9.65 -11.78 -0.30
C ALA B 218 -10.89 -11.46 -1.15
N GLU B 219 -11.70 -10.49 -0.72
CA GLU B 219 -12.89 -10.08 -1.46
C GLU B 219 -13.15 -8.58 -1.31
N PRO B 220 -13.75 -7.91 -2.33
CA PRO B 220 -14.02 -6.47 -2.23
C PRO B 220 -14.86 -6.22 -0.97
N ALA B 221 -14.55 -5.13 -0.26
CA ALA B 221 -15.26 -4.75 0.96
C ALA B 221 -15.84 -3.34 0.84
N GLU B 222 -16.96 -3.07 1.51
CA GLU B 222 -17.46 -1.69 1.60
C GLU B 222 -16.59 -0.89 2.57
N THR B 223 -16.01 0.22 2.08
CA THR B 223 -15.27 1.24 2.84
C THR B 223 -14.18 0.55 3.67
N SER C 23 -8.37 19.47 0.50
CA SER C 23 -7.50 19.70 1.71
C SER C 23 -6.05 19.27 1.44
N ALA C 24 -5.31 20.09 0.67
CA ALA C 24 -4.01 19.73 0.12
C ALA C 24 -2.89 19.80 1.17
N VAL C 25 -2.32 18.64 1.48
CA VAL C 25 -1.24 18.50 2.46
C VAL C 25 0.14 18.65 1.79
N SER C 26 1.01 19.52 2.32
CA SER C 26 2.39 19.67 1.86
C SER C 26 3.22 18.52 2.39
N ILE C 27 4.00 17.88 1.50
CA ILE C 27 4.87 16.78 1.88
C ILE C 27 6.29 17.33 2.05
N PRO C 28 6.93 17.13 3.22
CA PRO C 28 8.28 17.63 3.47
C PRO C 28 9.32 17.05 2.51
N ILE C 29 10.14 17.95 1.95
CA ILE C 29 11.31 17.61 1.15
C ILE C 29 12.53 18.26 1.82
N LYS C 30 13.65 17.57 1.87
CA LYS C 30 14.89 18.11 2.44
C LYS C 30 15.49 19.14 1.46
N ASN C 31 15.86 20.32 1.97
CA ASN C 31 16.56 21.31 1.17
C ASN C 31 15.84 21.50 -0.18
N ALA C 32 14.54 21.82 -0.09
CA ALA C 32 13.66 21.77 -1.23
C ALA C 32 13.91 22.95 -2.18
N GLY C 33 14.51 24.04 -1.67
CA GLY C 33 14.79 25.23 -2.47
C GLY C 33 16.27 25.41 -2.70
N PHE C 34 17.05 24.44 -2.23
CA PHE C 34 18.50 24.38 -2.40
C PHE C 34 19.13 25.57 -1.67
N GLU C 35 18.49 26.00 -0.58
CA GLU C 35 18.99 27.10 0.23
C GLU C 35 20.24 26.66 1.04
N GLU C 36 20.56 25.36 1.09
CA GLU C 36 21.76 24.88 1.74
C GLU C 36 22.71 24.33 0.71
N PRO C 37 24.01 24.70 0.75
CA PRO C 37 24.59 25.66 1.67
C PRO C 37 24.25 27.12 1.36
N SER C 38 24.29 27.96 2.40
CA SER C 38 24.27 29.43 2.22
C SER C 38 25.53 29.87 1.47
N LEU C 39 25.33 30.74 0.48
CA LEU C 39 26.39 31.26 -0.35
C LEU C 39 26.39 32.79 -0.28
N THR C 40 27.49 33.37 -0.72
CA THR C 40 27.63 34.84 -0.79
C THR C 40 27.95 35.24 -2.23
N VAL C 41 27.92 36.54 -2.50
CA VAL C 41 28.27 37.08 -3.81
C VAL C 41 29.62 36.50 -4.26
N GLU C 42 30.59 36.45 -3.34
CA GLU C 42 32.00 36.12 -3.68
C GLU C 42 32.23 34.60 -3.58
N ASP C 43 31.37 33.89 -2.83
CA ASP C 43 31.42 32.44 -2.69
C ASP C 43 30.09 31.86 -3.19
N TYR C 44 29.92 31.85 -4.53
CA TYR C 44 28.59 31.90 -5.17
C TYR C 44 28.22 30.58 -5.87
N TYR C 45 29.07 29.55 -5.81
CA TYR C 45 28.64 28.26 -6.37
C TYR C 45 29.32 27.11 -5.63
N THR C 46 28.72 25.91 -5.78
CA THR C 46 29.34 24.68 -5.38
C THR C 46 29.41 23.77 -6.59
N ILE C 47 30.30 22.76 -6.53
CA ILE C 47 30.31 21.65 -7.46
C ILE C 47 30.01 20.34 -6.71
N ASP C 48 29.37 20.43 -5.54
CA ASP C 48 29.01 19.24 -4.76
C ASP C 48 27.49 19.03 -4.75
N THR C 49 27.08 17.75 -4.60
CA THR C 49 25.69 17.42 -4.52
C THR C 49 25.03 18.27 -3.44
N PRO C 50 23.90 18.93 -3.74
CA PRO C 50 23.17 19.65 -2.70
C PRO C 50 22.81 18.73 -1.55
N PRO C 51 23.00 19.21 -0.30
CA PRO C 51 22.68 18.39 0.87
C PRO C 51 21.19 18.03 0.85
N GLY C 52 20.88 16.79 1.30
CA GLY C 52 19.50 16.26 1.28
C GLY C 52 19.11 15.59 -0.04
N TRP C 53 19.91 15.81 -1.10
CA TRP C 53 19.70 15.24 -2.43
C TRP C 53 20.81 14.25 -2.72
N ILE C 54 20.59 13.38 -3.71
CA ILE C 54 21.55 12.40 -4.12
C ILE C 54 21.82 12.56 -5.62
N THR C 55 23.05 12.28 -6.07
CA THR C 55 23.34 12.37 -7.51
C THR C 55 22.70 11.17 -8.19
N TYR C 56 21.92 11.43 -9.25
CA TYR C 56 21.29 10.40 -10.06
C TYR C 56 22.10 10.26 -11.34
N ASP C 57 22.83 9.15 -11.51
CA ASP C 57 23.85 9.04 -12.53
C ASP C 57 23.84 7.63 -13.13
N PRO C 58 22.73 7.22 -13.76
CA PRO C 58 22.60 5.84 -14.21
C PRO C 58 23.60 5.44 -15.30
N ASN C 59 24.19 6.42 -15.98
CA ASN C 59 25.03 6.12 -17.12
C ASN C 59 26.49 6.47 -16.81
N GLY C 60 26.79 6.85 -15.57
CA GLY C 60 28.14 7.09 -15.07
C GLY C 60 28.79 8.31 -15.70
N LEU C 61 28.02 9.39 -15.89
CA LEU C 61 28.54 10.58 -16.55
C LEU C 61 29.23 11.49 -15.54
N VAL C 62 28.94 11.32 -14.25
CA VAL C 62 29.53 12.24 -13.29
C VAL C 62 30.79 11.56 -12.73
N PRO C 63 31.99 12.18 -12.86
CA PRO C 63 33.23 11.55 -12.37
C PRO C 63 33.32 11.53 -10.83
N ALA C 64 34.15 10.61 -10.31
CA ALA C 64 34.36 10.45 -8.88
C ALA C 64 34.92 11.77 -8.32
N LYS C 65 35.91 12.34 -9.01
CA LYS C 65 36.49 13.63 -8.66
C LYS C 65 35.97 14.67 -9.65
N ARG C 66 35.22 15.65 -9.15
CA ARG C 66 34.63 16.67 -10.01
C ARG C 66 35.48 17.95 -10.00
N THR C 67 35.56 18.61 -11.16
CA THR C 67 36.09 19.96 -11.27
C THR C 67 35.00 20.85 -11.87
N ARG C 68 35.38 22.08 -12.21
CA ARG C 68 34.43 23.03 -12.77
C ARG C 68 34.07 22.63 -14.22
N ILE C 69 34.91 21.82 -14.85
CA ILE C 69 34.72 21.53 -16.26
C ILE C 69 34.22 20.10 -16.45
N THR C 70 34.18 19.29 -15.39
CA THR C 70 33.59 17.98 -15.50
C THR C 70 32.07 18.10 -15.44
N SER C 71 31.36 17.03 -15.77
CA SER C 71 29.96 16.95 -15.37
C SER C 71 29.90 17.15 -13.86
N ASN C 72 28.87 17.87 -13.43
CA ASN C 72 28.72 18.15 -12.02
C ASN C 72 27.30 18.64 -11.77
N ASN C 73 27.07 18.98 -10.51
CA ASN C 73 25.85 19.53 -10.05
C ASN C 73 26.20 20.23 -8.74
N GLY C 74 25.24 20.98 -8.22
CA GLY C 74 25.54 21.87 -7.10
C GLY C 74 24.50 22.94 -6.94
N VAL C 75 24.82 23.97 -6.12
CA VAL C 75 23.91 25.08 -5.90
C VAL C 75 24.61 26.38 -6.30
N GLY C 76 23.82 27.36 -6.76
CA GLY C 76 24.38 28.62 -7.19
C GLY C 76 23.56 29.76 -6.66
N TYR C 77 24.21 30.78 -6.09
CA TYR C 77 23.52 31.95 -5.64
C TYR C 77 23.05 32.74 -6.88
N THR C 78 21.78 33.15 -6.86
CA THR C 78 21.14 33.78 -8.01
C THR C 78 20.38 35.01 -7.49
N GLY C 79 21.10 36.14 -7.47
CA GLY C 79 20.58 37.41 -6.98
C GLY C 79 19.85 38.19 -8.07
N PRO C 80 19.37 39.41 -7.77
CA PRO C 80 18.55 40.19 -8.70
C PRO C 80 19.31 40.79 -9.89
N ASN C 81 20.64 40.61 -9.93
CA ASN C 81 21.51 41.16 -11.00
C ASN C 81 22.50 40.06 -11.42
N SER C 82 21.96 38.84 -11.63
CA SER C 82 22.77 37.65 -11.99
C SER C 82 23.25 37.76 -13.44
N ALA C 83 24.42 37.21 -13.72
CA ALA C 83 24.92 37.05 -15.10
C ALA C 83 24.04 36.11 -15.94
N TYR C 84 23.29 35.24 -15.29
CA TYR C 84 22.70 34.11 -15.99
C TYR C 84 21.17 34.20 -16.15
N TYR C 85 20.53 35.12 -15.41
CA TYR C 85 19.09 35.11 -15.27
C TYR C 85 18.54 36.55 -15.28
N ASN C 86 17.32 36.71 -15.83
CA ASN C 86 16.66 38.00 -15.88
C ASN C 86 16.31 38.47 -14.47
N HIS C 87 15.98 37.53 -13.59
CA HIS C 87 15.51 37.84 -12.25
C HIS C 87 16.27 36.98 -11.24
N LYS C 88 16.10 37.32 -9.96
CA LYS C 88 16.65 36.51 -8.89
C LYS C 88 16.00 35.11 -8.85
N ALA C 89 16.61 34.22 -8.06
CA ALA C 89 16.08 32.86 -7.84
C ALA C 89 14.57 32.89 -7.61
N PRO C 90 13.79 31.97 -8.22
CA PRO C 90 12.37 31.87 -7.92
C PRO C 90 12.05 31.85 -6.42
N GLU C 91 12.95 31.30 -5.61
CA GLU C 91 12.71 31.13 -4.19
C GLU C 91 14.04 31.32 -3.47
N GLY C 92 14.05 32.15 -2.42
CA GLY C 92 15.26 32.40 -1.64
C GLY C 92 16.39 32.96 -2.48
N ARG C 93 17.62 32.51 -2.18
CA ARG C 93 18.83 33.03 -2.77
C ARG C 93 19.45 32.08 -3.83
N ASN C 94 19.15 30.77 -3.77
CA ASN C 94 19.90 29.76 -4.49
C ASN C 94 19.01 28.98 -5.47
N VAL C 95 19.67 28.38 -6.46
CA VAL C 95 19.08 27.37 -7.35
C VAL C 95 20.04 26.19 -7.44
N ALA C 96 19.51 25.01 -7.81
CA ALA C 96 20.37 23.86 -8.10
C ALA C 96 20.67 23.90 -9.60
N TYR C 97 21.82 23.34 -9.99
CA TYR C 97 22.14 23.10 -11.39
C TYR C 97 22.64 21.67 -11.61
N VAL C 98 22.48 21.19 -12.86
CA VAL C 98 23.02 19.93 -13.33
C VAL C 98 23.67 20.22 -14.68
N TYR C 99 25.00 19.99 -14.76
CA TYR C 99 25.77 20.24 -15.96
C TYR C 99 26.39 18.91 -16.40
N LEU C 100 26.28 18.59 -17.69
CA LEU C 100 26.91 17.39 -18.28
C LEU C 100 27.86 17.77 -19.42
N ALA C 101 29.10 17.27 -19.33
CA ALA C 101 30.12 17.72 -20.23
C ALA C 101 30.09 16.87 -21.50
N GLN C 102 29.60 15.64 -21.40
CA GLN C 102 29.62 14.70 -22.51
C GLN C 102 28.74 15.20 -23.66
N GLU C 103 28.94 14.57 -24.82
CA GLU C 103 28.27 14.89 -26.06
C GLU C 103 26.76 14.59 -25.95
N ILE C 104 25.97 15.38 -26.67
CA ILE C 104 24.51 15.21 -26.78
C ILE C 104 24.22 13.72 -27.03
N GLY C 105 23.27 13.18 -26.27
CA GLY C 105 22.85 11.81 -26.46
C GLY C 105 23.64 10.77 -25.68
N SER C 106 24.59 11.20 -24.83
CA SER C 106 25.42 10.28 -24.07
C SER C 106 24.68 9.64 -22.91
N GLY C 107 23.59 10.26 -22.44
CA GLY C 107 22.83 9.74 -21.32
C GLY C 107 22.09 10.84 -20.57
N ILE C 108 21.67 10.52 -19.35
CA ILE C 108 20.96 11.44 -18.47
C ILE C 108 21.54 11.38 -17.06
N ALA C 109 21.41 12.49 -16.34
CA ALA C 109 21.76 12.56 -14.95
C ALA C 109 20.97 13.69 -14.31
N GLY C 110 20.96 13.70 -12.98
CA GLY C 110 20.45 14.83 -12.24
C GLY C 110 20.45 14.58 -10.76
N LEU C 111 19.41 15.03 -10.08
CA LEU C 111 19.31 14.96 -8.66
C LEU C 111 18.06 14.19 -8.25
N GLU C 112 18.19 13.41 -7.17
CA GLU C 112 17.01 12.63 -6.71
C GLU C 112 16.97 12.66 -5.19
N GLN C 113 15.76 12.49 -4.66
CA GLN C 113 15.56 12.45 -3.22
C GLN C 113 14.42 11.47 -2.93
N THR C 114 14.67 10.55 -1.99
CA THR C 114 13.67 9.68 -1.45
C THR C 114 13.08 10.34 -0.20
N LEU C 115 11.74 10.39 -0.13
CA LEU C 115 11.03 11.06 0.91
C LEU C 115 10.55 10.05 1.96
N ASP C 116 10.20 10.57 3.14
CA ASP C 116 9.68 9.80 4.25
C ASP C 116 8.25 9.35 3.94
N ALA C 117 7.49 10.18 3.23
CA ALA C 117 6.11 9.88 2.89
C ALA C 117 6.03 8.68 1.96
N VAL C 118 4.91 7.95 2.01
CA VAL C 118 4.67 6.74 1.17
C VAL C 118 3.42 6.96 0.32
N LEU C 119 3.29 6.21 -0.77
CA LEU C 119 2.18 6.33 -1.67
C LEU C 119 0.90 5.86 -0.98
N LYS C 120 -0.16 6.68 -1.08
CA LYS C 120 -1.43 6.32 -0.48
C LYS C 120 -2.52 6.35 -1.55
N PRO C 121 -3.52 5.45 -1.42
CA PRO C 121 -4.61 5.34 -2.39
C PRO C 121 -5.59 6.52 -2.25
N ASN C 122 -6.33 6.78 -3.32
CA ASN C 122 -7.37 7.81 -3.38
C ASN C 122 -6.75 9.18 -3.09
N THR C 123 -5.55 9.37 -3.66
CA THR C 123 -4.76 10.54 -3.39
C THR C 123 -4.21 11.09 -4.71
N LYS C 124 -4.33 12.41 -4.84
CA LYS C 124 -3.72 13.16 -5.95
C LYS C 124 -2.43 13.85 -5.47
N TYR C 125 -1.31 13.51 -6.12
CA TYR C 125 -0.05 14.13 -5.85
C TYR C 125 0.25 15.16 -6.94
N THR C 126 0.75 16.34 -6.50
CA THR C 126 1.14 17.43 -7.41
C THR C 126 2.56 17.84 -7.04
N LEU C 127 3.48 17.57 -7.97
CA LEU C 127 4.88 17.89 -7.86
C LEU C 127 5.15 19.10 -8.73
N THR C 128 5.57 20.19 -8.09
CA THR C 128 5.79 21.46 -8.76
C THR C 128 7.26 21.84 -8.62
N VAL C 129 7.87 22.27 -9.72
CA VAL C 129 9.26 22.69 -9.66
C VAL C 129 9.52 23.71 -10.75
N ASP C 130 10.40 24.65 -10.45
CA ASP C 130 10.81 25.67 -11.38
C ASP C 130 12.05 25.20 -12.16
N ILE C 131 11.98 25.29 -13.48
CA ILE C 131 13.05 24.89 -14.40
C ILE C 131 13.66 26.18 -14.94
N GLY C 132 14.99 26.23 -14.90
CA GLY C 132 15.74 27.39 -15.34
C GLY C 132 16.66 27.10 -16.52
N ASN C 133 16.55 27.95 -17.55
CA ASN C 133 17.46 27.94 -18.67
C ASN C 133 18.49 29.08 -18.47
N SER C 134 19.61 28.78 -17.81
CA SER C 134 20.62 29.76 -17.55
C SER C 134 21.06 30.36 -18.90
N GLY C 135 21.24 31.67 -18.97
CA GLY C 135 21.75 32.29 -20.17
C GLY C 135 23.01 33.08 -19.86
N GLY C 136 23.27 34.15 -20.63
CA GLY C 136 24.46 34.94 -20.41
C GLY C 136 25.72 34.14 -20.75
N SER C 137 26.78 34.39 -19.99
CA SER C 137 28.10 33.81 -20.29
C SER C 137 29.00 33.78 -19.05
N PHE C 138 30.05 32.95 -19.17
CA PHE C 138 31.06 32.67 -18.13
C PHE C 138 32.42 32.80 -18.81
N GLN C 139 33.10 33.92 -18.60
CA GLN C 139 34.40 34.19 -19.22
C GLN C 139 34.31 33.93 -20.74
N GLY C 140 33.33 34.56 -21.39
CA GLY C 140 33.17 34.42 -22.84
C GLY C 140 32.82 33.01 -23.27
N PHE C 141 32.40 32.17 -22.31
CA PHE C 141 31.81 30.86 -22.60
C PHE C 141 30.30 31.06 -22.54
N PRO C 142 29.60 31.08 -23.70
CA PRO C 142 28.17 31.41 -23.74
C PRO C 142 27.30 30.27 -23.17
N LEU C 143 26.25 30.61 -22.43
CA LEU C 143 25.43 29.57 -21.86
C LEU C 143 24.20 29.40 -22.75
N ASP C 144 24.27 29.96 -23.96
CA ASP C 144 23.21 29.83 -24.96
C ASP C 144 22.95 28.35 -25.26
N GLY C 145 21.66 27.99 -25.42
CA GLY C 145 21.22 26.60 -25.61
C GLY C 145 20.79 25.95 -24.31
N PHE C 146 20.18 24.77 -24.43
CA PHE C 146 19.52 24.16 -23.30
C PHE C 146 19.45 22.65 -23.51
N PRO C 147 19.71 21.82 -22.49
CA PRO C 147 19.70 20.37 -22.67
C PRO C 147 18.32 19.72 -22.56
N GLY C 148 17.31 20.51 -22.22
CA GLY C 148 16.02 19.96 -21.88
C GLY C 148 15.96 19.65 -20.40
N TYR C 149 14.80 19.14 -19.98
CA TYR C 149 14.57 18.74 -18.60
C TYR C 149 13.59 17.57 -18.56
N ARG C 150 13.62 16.90 -17.39
CA ARG C 150 12.60 15.87 -17.10
C ARG C 150 12.40 15.84 -15.60
N VAL C 151 11.21 15.89 -15.12
CA VAL C 151 10.83 15.82 -13.75
C VAL C 151 10.03 14.54 -13.57
N GLU C 152 10.36 13.77 -12.54
CA GLU C 152 9.78 12.45 -12.31
C GLU C 152 9.29 12.42 -10.85
N LEU C 153 8.07 11.90 -10.65
CA LEU C 153 7.59 11.47 -9.34
C LEU C 153 7.72 9.95 -9.27
N LEU C 154 8.31 9.46 -8.18
CA LEU C 154 8.58 8.04 -7.97
C LEU C 154 7.78 7.50 -6.78
N ALA C 155 7.58 6.18 -6.80
CA ALA C 155 7.36 5.37 -5.62
C ALA C 155 8.32 4.17 -5.71
N GLY C 156 9.06 3.95 -4.63
CA GLY C 156 10.17 3.02 -4.63
C GLY C 156 11.10 3.33 -5.80
N ASP C 157 11.28 2.36 -6.69
CA ASP C 157 12.13 2.52 -7.84
C ASP C 157 11.34 2.78 -9.12
N THR C 158 10.03 2.99 -9.05
CA THR C 158 9.29 3.21 -10.30
C THR C 158 8.93 4.69 -10.49
N VAL C 159 9.02 5.11 -11.75
CA VAL C 159 8.56 6.38 -12.15
C VAL C 159 7.04 6.29 -12.38
N LEU C 160 6.28 6.87 -11.46
CA LEU C 160 4.84 6.91 -11.50
C LEU C 160 4.37 7.86 -12.60
N ALA C 161 4.99 9.05 -12.65
CA ALA C 161 4.62 10.06 -13.59
C ALA C 161 5.80 10.97 -13.90
N ALA C 162 5.82 11.50 -15.13
CA ALA C 162 6.89 12.31 -15.60
C ALA C 162 6.41 13.31 -16.66
N ASP C 163 7.12 14.45 -16.70
CA ASP C 163 7.09 15.45 -17.75
C ASP C 163 8.50 15.60 -18.30
N GLN C 164 8.65 15.35 -19.60
CA GLN C 164 9.87 15.73 -20.30
C GLN C 164 9.57 16.81 -21.31
N ASN C 165 10.13 18.00 -21.09
CA ASN C 165 10.16 19.14 -22.05
C ASN C 165 8.78 19.65 -22.50
N ASN C 166 7.72 19.43 -21.72
CA ASN C 166 6.40 19.96 -22.12
C ASN C 166 6.40 21.49 -22.08
N LEU C 167 7.24 22.07 -21.23
CA LEU C 167 7.40 23.51 -21.09
C LEU C 167 8.64 23.96 -21.86
N TYR C 168 8.47 25.11 -22.51
CA TYR C 168 9.52 25.84 -23.15
C TYR C 168 10.06 26.89 -22.17
N ILE C 169 11.36 26.91 -21.94
CA ILE C 169 11.96 27.96 -21.06
C ILE C 169 12.97 28.75 -21.88
N LYS C 170 12.70 30.05 -21.99
CA LYS C 170 13.56 30.98 -22.69
C LYS C 170 14.91 31.09 -21.97
N GLU C 171 15.93 31.48 -22.71
CA GLU C 171 17.23 31.85 -22.11
C GLU C 171 17.01 32.93 -21.02
N LYS C 172 17.65 32.68 -19.87
CA LYS C 172 17.69 33.53 -18.71
C LYS C 172 16.37 33.53 -17.93
N ASP C 173 15.45 32.61 -18.21
CA ASP C 173 14.18 32.55 -17.47
C ASP C 173 14.10 31.26 -16.65
N PHE C 174 13.17 31.31 -15.68
CA PHE C 174 12.64 30.15 -15.00
C PHE C 174 11.16 30.02 -15.37
N LYS C 175 10.64 28.79 -15.51
CA LYS C 175 9.19 28.52 -15.63
C LYS C 175 8.83 27.33 -14.73
N THR C 176 7.60 27.32 -14.24
CA THR C 176 7.09 26.32 -13.30
C THR C 176 6.45 25.20 -14.11
N THR C 177 6.83 23.95 -13.81
CA THR C 177 6.12 22.84 -14.36
C THR C 177 5.50 22.04 -13.23
N THR C 178 4.52 21.21 -13.58
CA THR C 178 3.90 20.37 -12.59
C THR C 178 3.78 18.97 -13.16
N VAL C 179 3.89 18.00 -12.26
CA VAL C 179 3.68 16.62 -12.54
C VAL C 179 2.60 16.18 -11.55
N THR C 180 1.55 15.54 -12.07
CA THR C 180 0.40 15.11 -11.29
C THR C 180 0.22 13.61 -11.41
N PHE C 181 -0.21 12.97 -10.33
CA PHE C 181 -0.50 11.58 -10.36
C PHE C 181 -1.60 11.25 -9.37
N ILE C 182 -2.54 10.39 -9.78
CA ILE C 182 -3.52 9.85 -8.83
C ILE C 182 -3.22 8.36 -8.59
N ALA C 183 -3.02 7.99 -7.32
CA ALA C 183 -2.92 6.59 -6.89
C ALA C 183 -4.30 6.03 -6.51
N THR C 184 -4.69 4.97 -7.21
CA THR C 184 -5.95 4.29 -7.00
C THR C 184 -5.78 3.17 -5.97
N PRO C 185 -6.88 2.65 -5.41
CA PRO C 185 -6.80 1.48 -4.54
C PRO C 185 -6.19 0.22 -5.18
N GLU C 186 -6.14 0.15 -6.50
CA GLU C 186 -5.61 -1.00 -7.25
C GLU C 186 -4.09 -0.85 -7.49
N SER C 187 -3.49 0.26 -7.06
CA SER C 187 -2.11 0.58 -7.39
C SER C 187 -1.20 -0.51 -6.84
N PRO C 188 -0.20 -0.98 -7.61
CA PRO C 188 0.77 -1.92 -7.05
C PRO C 188 1.85 -1.28 -6.16
N TYR C 189 1.89 0.05 -6.02
CA TYR C 189 3.04 0.74 -5.39
C TYR C 189 2.62 1.36 -4.04
N LEU C 190 1.40 1.09 -3.56
CA LEU C 190 0.96 1.64 -2.26
C LEU C 190 1.94 1.25 -1.13
N GLY C 191 2.28 2.21 -0.26
CA GLY C 191 3.18 1.93 0.87
C GLY C 191 4.66 2.12 0.55
N GLN C 192 4.98 2.34 -0.73
CA GLN C 192 6.35 2.54 -1.17
C GLN C 192 6.71 4.03 -1.00
N HIS C 193 7.99 4.29 -0.73
CA HIS C 193 8.38 5.69 -0.41
C HIS C 193 8.34 6.54 -1.68
N LEU C 194 7.80 7.76 -1.55
CA LEU C 194 7.77 8.68 -2.68
C LEU C 194 9.21 9.15 -2.95
N GLY C 195 9.46 9.54 -4.20
CA GLY C 195 10.74 10.13 -4.55
C GLY C 195 10.54 11.17 -5.63
N ILE C 196 11.59 11.96 -5.85
CA ILE C 196 11.62 13.01 -6.84
C ILE C 196 12.93 12.90 -7.62
N ARG C 197 12.83 13.10 -8.94
CA ARG C 197 14.04 13.20 -9.77
C ARG C 197 13.95 14.43 -10.67
N LEU C 198 15.00 15.23 -10.66
CA LEU C 198 15.22 16.37 -11.53
C LEU C 198 16.37 16.02 -12.48
N ILE C 199 16.07 15.91 -13.78
CA ILE C 199 16.95 15.29 -14.75
C ILE C 199 17.31 16.27 -15.87
N ASN C 200 18.61 16.17 -16.24
CA ASN C 200 19.23 16.79 -17.40
C ASN C 200 19.35 15.66 -18.42
N PRO C 201 18.51 15.67 -19.49
CA PRO C 201 18.52 14.58 -20.46
C PRO C 201 19.53 14.73 -21.61
N LEU C 202 20.33 15.81 -21.54
CA LEU C 202 21.49 16.05 -22.42
C LEU C 202 21.06 16.00 -23.89
N GLN C 203 20.06 16.83 -24.22
CA GLN C 203 19.51 16.89 -25.55
C GLN C 203 19.92 18.18 -26.28
N GLY C 204 20.89 18.91 -25.74
CA GLY C 204 21.29 20.17 -26.31
C GLY C 204 22.46 20.73 -25.54
N LYS C 205 23.20 21.64 -26.17
CA LYS C 205 24.24 22.45 -25.53
C LYS C 205 23.99 23.93 -25.78
N PHE C 206 24.32 24.79 -24.80
CA PHE C 206 24.97 24.49 -23.54
C PHE C 206 24.13 23.52 -22.68
N SER C 207 24.77 22.49 -22.11
CA SER C 207 24.05 21.41 -21.46
C SER C 207 23.95 21.56 -19.93
N GLY C 208 23.55 22.75 -19.43
CA GLY C 208 23.21 23.00 -18.02
C GLY C 208 21.72 23.37 -17.89
N VAL C 209 21.06 22.85 -16.85
CA VAL C 209 19.66 23.14 -16.53
C VAL C 209 19.59 23.32 -15.02
N ASP C 210 18.77 24.27 -14.59
CA ASP C 210 18.67 24.62 -13.19
C ASP C 210 17.27 24.28 -12.67
N PHE C 211 17.16 24.23 -11.34
CA PHE C 211 15.91 23.88 -10.69
C PHE C 211 15.79 24.70 -9.40
N ASP C 212 14.55 25.02 -9.03
CA ASP C 212 14.35 25.60 -7.74
C ASP C 212 12.93 25.29 -7.24
N ASN C 213 12.72 25.50 -5.93
CA ASN C 213 11.43 25.56 -5.29
C ASN C 213 10.64 24.28 -5.59
N VAL C 214 11.18 23.15 -5.13
CA VAL C 214 10.51 21.87 -5.27
C VAL C 214 9.42 21.77 -4.22
N ARG C 215 8.20 21.49 -4.69
CA ARG C 215 6.99 21.35 -3.88
C ARG C 215 6.25 20.07 -4.25
N LEU C 216 5.79 19.35 -3.23
CA LEU C 216 4.93 18.18 -3.39
C LEU C 216 3.74 18.28 -2.43
N THR C 217 2.52 18.25 -2.99
CA THR C 217 1.29 18.16 -2.18
C THR C 217 0.50 16.87 -2.49
N ALA C 218 -0.31 16.48 -1.51
CA ALA C 218 -1.17 15.29 -1.55
C ALA C 218 -2.56 15.71 -1.10
N GLU C 219 -3.59 15.31 -1.84
CA GLU C 219 -4.95 15.70 -1.50
C GLU C 219 -5.91 14.57 -1.88
N PRO C 220 -7.06 14.45 -1.18
CA PRO C 220 -7.98 13.36 -1.45
C PRO C 220 -8.36 13.47 -2.92
N ALA C 221 -8.52 12.35 -3.60
CA ALA C 221 -9.10 12.37 -4.97
C ALA C 221 -10.28 11.40 -5.02
N GLU C 222 -11.20 11.59 -5.94
CA GLU C 222 -12.22 10.55 -6.13
C GLU C 222 -11.76 9.68 -7.30
N THR C 223 -11.75 8.37 -7.06
CA THR C 223 -11.36 7.33 -7.99
C THR C 223 -9.83 7.32 -8.09
N SER D 23 -30.52 -18.96 32.42
CA SER D 23 -29.33 -19.84 32.21
C SER D 23 -28.02 -19.05 32.34
N ALA D 24 -27.85 -17.99 31.53
CA ALA D 24 -26.65 -17.15 31.58
C ALA D 24 -26.84 -16.10 32.68
N VAL D 25 -25.80 -15.91 33.49
CA VAL D 25 -25.85 -15.02 34.59
C VAL D 25 -24.90 -13.86 34.28
N SER D 26 -25.37 -12.63 34.50
CA SER D 26 -24.56 -11.44 34.35
C SER D 26 -23.56 -11.41 35.49
N ILE D 27 -22.29 -11.13 35.19
CA ILE D 27 -21.27 -10.95 36.20
C ILE D 27 -21.09 -9.45 36.42
N PRO D 28 -21.14 -8.99 37.69
CA PRO D 28 -20.96 -7.56 37.99
C PRO D 28 -19.58 -6.97 37.66
N ILE D 29 -19.63 -5.79 37.01
CA ILE D 29 -18.46 -5.04 36.56
C ILE D 29 -18.64 -3.60 37.04
N LYS D 30 -17.58 -3.00 37.60
CA LYS D 30 -17.64 -1.61 38.06
C LYS D 30 -17.68 -0.66 36.85
N ASN D 31 -18.64 0.26 36.83
CA ASN D 31 -18.65 1.34 35.84
C ASN D 31 -18.54 0.75 34.42
N ALA D 32 -19.37 -0.27 34.14
CA ALA D 32 -19.27 -1.13 32.95
C ALA D 32 -19.68 -0.38 31.68
N GLY D 33 -20.43 0.72 31.83
CA GLY D 33 -20.89 1.60 30.75
C GLY D 33 -20.24 2.97 30.77
N PHE D 34 -19.30 3.19 31.69
CA PHE D 34 -18.48 4.41 31.82
C PHE D 34 -19.34 5.64 32.15
N GLU D 35 -20.43 5.39 32.88
CA GLU D 35 -21.44 6.39 33.16
C GLU D 35 -20.99 7.25 34.37
N GLU D 36 -19.85 6.89 34.94
CA GLU D 36 -19.22 7.57 36.03
C GLU D 36 -17.84 8.01 35.55
N PRO D 37 -17.50 9.30 35.65
CA PRO D 37 -18.33 10.33 36.27
C PRO D 37 -19.41 10.87 35.33
N SER D 38 -20.43 11.49 35.95
CA SER D 38 -21.55 12.13 35.28
C SER D 38 -21.07 13.41 34.54
N LEU D 39 -21.60 13.62 33.33
CA LEU D 39 -21.13 14.67 32.41
C LEU D 39 -22.33 15.31 31.71
N THR D 40 -22.21 16.63 31.46
CA THR D 40 -23.25 17.44 30.83
C THR D 40 -22.85 17.76 29.37
N VAL D 41 -23.84 18.16 28.56
CA VAL D 41 -23.55 18.70 27.20
C VAL D 41 -22.37 19.68 27.29
N GLU D 42 -22.29 20.43 28.39
CA GLU D 42 -21.19 21.37 28.68
C GLU D 42 -19.96 20.54 29.07
N TYR D 45 -15.55 15.86 28.23
CA TYR D 45 -14.65 14.74 28.50
C TYR D 45 -13.89 14.86 29.83
N THR D 46 -13.24 13.75 30.21
CA THR D 46 -12.20 13.70 31.22
C THR D 46 -10.95 13.19 30.54
N ILE D 47 -9.81 13.38 31.21
CA ILE D 47 -8.57 12.84 30.77
C ILE D 47 -7.97 11.98 31.88
N ASP D 48 -8.82 11.48 32.79
CA ASP D 48 -8.35 10.59 33.87
C ASP D 48 -8.97 9.19 33.69
N THR D 49 -8.22 8.18 34.12
CA THR D 49 -8.68 6.79 34.08
C THR D 49 -10.11 6.75 34.62
N PRO D 50 -11.09 6.18 33.90
CA PRO D 50 -12.45 6.11 34.40
C PRO D 50 -12.48 5.37 35.72
N PRO D 51 -13.40 5.77 36.63
CA PRO D 51 -13.54 5.11 37.92
C PRO D 51 -13.82 3.60 37.77
N GLY D 52 -13.16 2.79 38.61
CA GLY D 52 -13.36 1.35 38.64
C GLY D 52 -12.46 0.62 37.66
N TRP D 53 -11.81 1.38 36.77
CA TRP D 53 -10.90 0.86 35.80
C TRP D 53 -9.50 1.34 36.15
N ILE D 54 -8.51 0.64 35.60
CA ILE D 54 -7.10 0.91 35.80
C ILE D 54 -6.40 1.04 34.44
N THR D 55 -5.47 2.00 34.35
CA THR D 55 -4.78 2.22 33.11
C THR D 55 -3.84 1.04 32.89
N TYR D 56 -3.95 0.43 31.70
CA TYR D 56 -3.07 -0.62 31.23
C TYR D 56 -2.10 0.00 30.23
N ASP D 57 -0.80 -0.09 30.51
CA ASP D 57 0.16 0.72 29.79
C ASP D 57 1.54 0.08 29.95
N PRO D 58 1.69 -1.15 29.40
CA PRO D 58 2.95 -1.90 29.52
C PRO D 58 4.17 -1.24 28.84
N ASN D 59 3.94 -0.24 27.98
CA ASN D 59 5.01 0.47 27.27
C ASN D 59 5.12 1.92 27.76
N GLY D 60 4.58 2.19 28.95
CA GLY D 60 4.63 3.52 29.51
C GLY D 60 4.47 4.57 28.44
N LEU D 61 3.57 4.30 27.50
CA LEU D 61 3.25 5.23 26.48
C LEU D 61 2.51 6.39 27.10
N VAL D 62 1.88 6.16 28.25
CA VAL D 62 1.02 7.19 28.85
C VAL D 62 1.85 7.95 29.88
N PRO D 63 1.82 9.30 29.85
CA PRO D 63 2.71 10.09 30.70
C PRO D 63 2.03 10.45 32.02
N ALA D 64 2.83 10.54 33.08
CA ALA D 64 2.39 10.95 34.41
C ALA D 64 1.64 12.28 34.32
N LYS D 65 2.21 13.27 33.63
CA LYS D 65 1.47 14.49 33.35
C LYS D 65 0.73 14.32 32.01
N ARG D 66 -0.60 14.25 32.07
CA ARG D 66 -1.44 14.13 30.89
C ARG D 66 -1.91 15.52 30.47
N THR D 67 -1.53 15.93 29.26
CA THR D 67 -2.01 17.19 28.67
C THR D 67 -3.37 16.84 28.03
N ARG D 68 -3.50 17.14 26.75
CA ARG D 68 -4.71 16.78 25.98
C ARG D 68 -4.24 16.29 24.61
N ILE D 69 -2.94 16.18 24.44
CA ILE D 69 -2.35 15.76 23.18
C ILE D 69 -1.34 14.66 23.51
N THR D 70 -1.29 14.34 24.81
CA THR D 70 -0.51 13.29 25.34
C THR D 70 -1.34 12.04 25.09
N SER D 71 -0.69 10.87 25.01
CA SER D 71 -1.44 9.64 25.10
C SER D 71 -2.26 9.69 26.39
N ASN D 72 -3.56 9.36 26.33
CA ASN D 72 -4.41 9.42 27.52
C ASN D 72 -5.63 8.49 27.37
N ASN D 73 -6.55 8.60 28.33
CA ASN D 73 -7.79 7.83 28.35
C ASN D 73 -8.72 8.59 29.27
N GLY D 74 -9.99 8.22 29.25
CA GLY D 74 -10.92 8.95 29.99
C GLY D 74 -12.29 8.61 29.52
N VAL D 75 -13.26 9.44 29.91
CA VAL D 75 -14.64 9.30 29.55
C VAL D 75 -15.06 10.53 28.74
N GLY D 76 -15.95 10.31 27.78
CA GLY D 76 -16.44 11.34 26.86
C GLY D 76 -17.95 11.29 26.75
N TYR D 77 -18.61 12.43 27.02
CA TYR D 77 -20.03 12.58 26.80
C TYR D 77 -20.29 12.43 25.29
N THR D 78 -21.29 11.63 24.93
CA THR D 78 -21.55 11.27 23.55
C THR D 78 -23.07 11.28 23.32
N GLY D 79 -23.61 12.46 23.03
CA GLY D 79 -25.04 12.68 22.90
C GLY D 79 -25.50 12.59 21.45
N PRO D 80 -26.78 12.97 21.16
CA PRO D 80 -27.27 12.92 19.78
C PRO D 80 -26.70 13.99 18.83
N ASN D 81 -25.90 14.93 19.34
CA ASN D 81 -25.29 16.01 18.55
C ASN D 81 -23.76 15.88 18.48
N SER D 82 -23.25 14.68 18.79
CA SER D 82 -21.84 14.39 18.89
C SER D 82 -21.10 14.85 17.62
N ALA D 83 -19.93 15.44 17.84
CA ALA D 83 -19.02 15.77 16.76
C ALA D 83 -18.49 14.48 16.14
N TYR D 84 -18.48 13.38 16.90
CA TYR D 84 -17.64 12.25 16.56
C TYR D 84 -18.47 11.05 16.07
N TYR D 85 -19.79 11.06 16.25
CA TYR D 85 -20.60 9.87 16.02
C TYR D 85 -21.96 10.28 15.44
N ASN D 86 -22.49 9.41 14.55
CA ASN D 86 -23.77 9.61 13.91
C ASN D 86 -24.90 9.56 14.95
N HIS D 87 -24.74 8.78 16.02
CA HIS D 87 -25.74 8.63 17.08
C HIS D 87 -25.06 8.79 18.44
N LYS D 88 -25.88 8.92 19.49
CA LYS D 88 -25.41 8.98 20.85
C LYS D 88 -24.78 7.63 21.26
N ALA D 89 -24.23 7.63 22.47
CA ALA D 89 -23.57 6.48 23.08
C ALA D 89 -24.46 5.26 22.94
N PRO D 90 -23.88 4.08 22.59
CA PRO D 90 -24.67 2.83 22.55
C PRO D 90 -25.43 2.62 23.87
N GLU D 91 -24.85 3.05 25.00
CA GLU D 91 -25.45 2.85 26.32
C GLU D 91 -25.30 4.13 27.15
N GLY D 92 -26.39 4.59 27.76
CA GLY D 92 -26.33 5.76 28.61
C GLY D 92 -25.95 6.99 27.78
N ARG D 93 -25.05 7.81 28.33
CA ARG D 93 -24.58 9.01 27.68
C ARG D 93 -23.05 9.10 27.55
N ASN D 94 -22.29 8.17 28.13
CA ASN D 94 -20.84 8.26 28.12
C ASN D 94 -20.27 7.03 27.42
N VAL D 95 -19.07 7.21 26.86
CA VAL D 95 -18.20 6.13 26.38
C VAL D 95 -16.80 6.35 26.97
N ALA D 96 -16.01 5.29 27.01
CA ALA D 96 -14.60 5.39 27.36
C ALA D 96 -13.83 5.65 26.07
N TYR D 97 -12.69 6.33 26.16
CA TYR D 97 -11.80 6.46 25.02
C TYR D 97 -10.38 6.13 25.44
N VAL D 98 -9.59 5.63 24.49
CA VAL D 98 -8.18 5.42 24.67
C VAL D 98 -7.50 6.05 23.45
N TYR D 99 -6.85 7.21 23.68
CA TYR D 99 -6.11 7.94 22.66
C TYR D 99 -4.61 7.80 22.93
N LEU D 100 -3.85 7.43 21.87
CA LEU D 100 -2.39 7.31 21.92
C LEU D 100 -1.81 8.27 20.87
N ALA D 101 -0.94 9.18 21.31
CA ALA D 101 -0.45 10.27 20.45
C ALA D 101 0.80 9.84 19.70
N GLN D 102 1.50 8.84 20.24
CA GLN D 102 2.70 8.33 19.66
C GLN D 102 2.44 7.73 18.25
N GLU D 103 3.56 7.41 17.59
CA GLU D 103 3.58 6.86 16.25
C GLU D 103 2.95 5.47 16.24
N ILE D 104 2.44 5.08 15.07
CA ILE D 104 2.06 3.70 14.81
C ILE D 104 3.24 2.80 15.18
N GLY D 105 2.91 1.66 15.81
CA GLY D 105 3.85 0.67 16.24
C GLY D 105 4.53 0.93 17.60
N SER D 106 4.20 2.01 18.29
CA SER D 106 4.92 2.40 19.51
C SER D 106 4.55 1.49 20.68
N GLY D 107 3.32 0.97 20.69
CA GLY D 107 2.89 -0.01 21.68
C GLY D 107 1.36 -0.05 21.82
N ILE D 108 0.89 -0.83 22.80
CA ILE D 108 -0.51 -0.98 23.12
C ILE D 108 -0.77 -0.34 24.50
N ALA D 109 -1.97 0.18 24.68
CA ALA D 109 -2.41 0.67 25.97
C ALA D 109 -3.93 0.60 26.01
N GLY D 110 -4.48 0.63 27.23
CA GLY D 110 -5.91 0.67 27.36
C GLY D 110 -6.36 0.74 28.82
N LEU D 111 -7.41 -0.02 29.11
CA LEU D 111 -8.16 0.04 30.38
C LEU D 111 -8.32 -1.42 30.81
N GLU D 112 -8.16 -1.69 32.10
CA GLU D 112 -8.35 -3.06 32.58
C GLU D 112 -9.07 -3.01 33.93
N GLN D 113 -9.69 -4.15 34.28
CA GLN D 113 -10.41 -4.25 35.55
C GLN D 113 -10.38 -5.71 36.01
N THR D 114 -9.91 -5.95 37.23
CA THR D 114 -9.98 -7.25 37.92
C THR D 114 -11.35 -7.34 38.57
N LEU D 115 -12.09 -8.44 38.33
CA LEU D 115 -13.46 -8.64 38.86
C LEU D 115 -13.39 -9.44 40.17
N ASP D 116 -14.49 -9.40 40.93
CA ASP D 116 -14.63 -10.21 42.15
C ASP D 116 -14.85 -11.67 41.75
N ALA D 117 -15.63 -11.89 40.68
CA ALA D 117 -15.91 -13.22 40.13
C ALA D 117 -14.61 -13.97 39.80
N VAL D 118 -14.65 -15.32 39.89
CA VAL D 118 -13.47 -16.19 39.68
C VAL D 118 -13.81 -17.21 38.58
N LEU D 119 -12.79 -17.87 38.00
CA LEU D 119 -13.02 -18.77 36.88
C LEU D 119 -13.57 -20.11 37.42
N LYS D 120 -14.68 -20.56 36.83
CA LYS D 120 -15.36 -21.80 37.21
C LYS D 120 -15.22 -22.78 36.05
N PRO D 121 -15.09 -24.09 36.36
CA PRO D 121 -15.05 -25.14 35.36
C PRO D 121 -16.44 -25.42 34.77
N ASN D 122 -16.49 -26.01 33.57
CA ASN D 122 -17.75 -26.34 32.82
C ASN D 122 -18.63 -25.09 32.67
N THR D 123 -17.98 -23.95 32.43
CA THR D 123 -18.64 -22.69 32.31
C THR D 123 -18.23 -21.97 31.04
N LYS D 124 -19.22 -21.41 30.35
CA LYS D 124 -18.98 -20.59 29.17
C LYS D 124 -19.12 -19.12 29.58
N TYR D 125 -18.09 -18.33 29.25
CA TYR D 125 -18.00 -16.91 29.50
C TYR D 125 -18.17 -16.17 28.18
N THR D 126 -19.05 -15.17 28.19
CA THR D 126 -19.29 -14.36 27.02
C THR D 126 -19.03 -12.90 27.42
N LEU D 127 -18.00 -12.32 26.80
CA LEU D 127 -17.63 -10.97 27.04
C LEU D 127 -18.03 -10.16 25.79
N THR D 128 -18.90 -9.18 26.00
CA THR D 128 -19.38 -8.31 24.90
C THR D 128 -19.04 -6.84 25.18
N VAL D 129 -18.60 -6.16 24.13
CA VAL D 129 -18.17 -4.76 24.26
C VAL D 129 -18.51 -4.06 22.95
N ASP D 130 -19.02 -2.82 23.06
CA ASP D 130 -19.20 -1.94 21.91
C ASP D 130 -17.88 -1.21 21.65
N ILE D 131 -17.39 -1.29 20.41
CA ILE D 131 -16.18 -0.57 19.97
C ILE D 131 -16.56 0.58 19.04
N GLY D 132 -16.01 1.77 19.32
CA GLY D 132 -16.38 2.99 18.60
C GLY D 132 -15.22 3.54 17.79
N ASN D 133 -15.49 3.78 16.50
CA ASN D 133 -14.54 4.42 15.59
C ASN D 133 -14.98 5.88 15.46
N SER D 134 -14.53 6.71 16.39
CA SER D 134 -14.84 8.14 16.43
C SER D 134 -14.42 8.77 15.10
N GLY D 135 -15.34 9.50 14.48
CA GLY D 135 -15.04 10.30 13.27
C GLY D 135 -14.92 11.79 13.57
N GLY D 136 -14.96 12.57 12.48
CA GLY D 136 -14.89 14.03 12.48
C GLY D 136 -13.55 14.58 12.93
N SER D 137 -13.62 15.64 13.76
CA SER D 137 -12.47 16.53 14.06
C SER D 137 -12.57 17.23 15.43
N PHE D 138 -11.39 17.59 15.97
CA PHE D 138 -11.20 18.32 17.27
C PHE D 138 -10.25 19.50 17.05
N GLN D 139 -10.72 20.72 17.28
CA GLN D 139 -9.98 21.95 16.91
C GLN D 139 -9.49 21.82 15.46
N GLY D 140 -10.29 21.20 14.58
CA GLY D 140 -9.92 20.97 13.18
C GLY D 140 -9.16 19.67 12.92
N PHE D 141 -8.37 19.18 13.88
CA PHE D 141 -7.53 17.98 13.73
C PHE D 141 -8.42 16.77 13.45
N PRO D 142 -8.23 16.09 12.30
CA PRO D 142 -9.15 15.05 11.83
C PRO D 142 -9.04 13.75 12.63
N LEU D 143 -10.19 13.08 12.79
CA LEU D 143 -10.34 11.79 13.51
C LEU D 143 -10.55 10.66 12.47
N ASP D 144 -10.29 10.98 11.20
CA ASP D 144 -10.32 9.99 10.17
C ASP D 144 -9.21 8.98 10.45
N GLY D 145 -9.51 7.68 10.33
CA GLY D 145 -8.57 6.63 10.64
C GLY D 145 -8.89 6.01 11.99
N PHE D 146 -8.19 4.93 12.33
CA PHE D 146 -8.64 4.08 13.44
C PHE D 146 -7.47 3.21 13.83
N PRO D 147 -7.10 3.12 15.13
CA PRO D 147 -5.91 2.34 15.53
C PRO D 147 -6.14 0.82 15.71
N GLY D 148 -7.39 0.40 15.49
CA GLY D 148 -7.79 -0.98 15.80
C GLY D 148 -8.23 -1.11 17.25
N TYR D 149 -8.53 -2.35 17.64
CA TYR D 149 -8.91 -2.62 19.00
C TYR D 149 -8.47 -4.04 19.35
N ARG D 150 -8.41 -4.31 20.65
CA ARG D 150 -8.32 -5.69 21.11
C ARG D 150 -9.09 -5.78 22.44
N VAL D 151 -9.82 -6.87 22.60
CA VAL D 151 -10.56 -7.14 23.81
C VAL D 151 -10.09 -8.49 24.38
N GLU D 152 -9.80 -8.49 25.69
CA GLU D 152 -9.20 -9.67 26.36
C GLU D 152 -10.03 -10.02 27.60
N LEU D 153 -10.31 -11.32 27.76
CA LEU D 153 -10.83 -11.90 28.99
C LEU D 153 -9.66 -12.59 29.69
N LEU D 154 -9.40 -12.27 30.96
CA LEU D 154 -8.31 -12.82 31.72
C LEU D 154 -8.82 -13.67 32.89
N ALA D 155 -7.93 -14.50 33.41
CA ALA D 155 -8.04 -15.09 34.69
C ALA D 155 -6.66 -14.92 35.33
N GLY D 156 -6.58 -14.34 36.55
CA GLY D 156 -5.26 -13.94 37.09
C GLY D 156 -4.59 -13.00 36.09
N ASP D 157 -3.37 -13.27 35.65
CA ASP D 157 -2.84 -12.34 34.62
C ASP D 157 -2.61 -13.07 33.30
N THR D 158 -3.34 -14.17 33.11
CA THR D 158 -3.36 -14.95 31.87
C THR D 158 -4.47 -14.43 30.97
N VAL D 159 -4.15 -14.15 29.69
CA VAL D 159 -5.17 -13.86 28.71
C VAL D 159 -5.75 -15.20 28.27
N LEU D 160 -6.99 -15.44 28.68
CA LEU D 160 -7.68 -16.67 28.33
C LEU D 160 -8.12 -16.58 26.85
N ALA D 161 -8.81 -15.50 26.50
CA ALA D 161 -9.37 -15.38 25.17
C ALA D 161 -9.25 -13.93 24.72
N ALA D 162 -9.10 -13.73 23.41
CA ALA D 162 -9.00 -12.38 22.87
C ALA D 162 -9.47 -12.33 21.42
N ASP D 163 -9.93 -11.13 21.06
CA ASP D 163 -10.23 -10.69 19.73
C ASP D 163 -9.44 -9.41 19.45
N GLN D 164 -8.62 -9.43 18.39
CA GLN D 164 -7.99 -8.26 17.83
C GLN D 164 -8.54 -8.08 16.41
N ASN D 165 -9.31 -7.01 16.22
CA ASN D 165 -9.68 -6.48 14.88
C ASN D 165 -10.48 -7.45 13.98
N ASN D 166 -11.17 -8.43 14.56
CA ASN D 166 -11.99 -9.29 13.72
C ASN D 166 -13.18 -8.48 13.20
N LEU D 167 -13.58 -7.46 13.96
CA LEU D 167 -14.65 -6.56 13.53
C LEU D 167 -14.08 -5.41 12.71
N TYR D 168 -14.83 -4.93 11.70
CA TYR D 168 -14.57 -3.67 11.02
C TYR D 168 -15.62 -2.66 11.52
N ILE D 169 -15.16 -1.49 11.98
CA ILE D 169 -16.04 -0.45 12.46
C ILE D 169 -15.84 0.78 11.57
N LYS D 170 -16.90 1.20 10.89
CA LYS D 170 -16.91 2.42 10.07
C LYS D 170 -16.72 3.66 10.95
N GLU D 171 -16.22 4.73 10.31
CA GLU D 171 -16.09 6.03 10.96
C GLU D 171 -17.46 6.48 11.49
N LYS D 172 -17.51 6.95 12.75
CA LYS D 172 -18.71 7.54 13.40
C LYS D 172 -19.72 6.45 13.77
N ASP D 173 -19.27 5.19 13.77
CA ASP D 173 -20.06 4.05 14.13
C ASP D 173 -19.49 3.35 15.38
N PHE D 174 -20.37 2.61 16.06
CA PHE D 174 -20.04 1.62 17.07
C PHE D 174 -20.48 0.25 16.55
N LYS D 175 -19.70 -0.80 16.85
CA LYS D 175 -20.14 -2.18 16.62
C LYS D 175 -19.67 -3.04 17.80
N THR D 176 -20.49 -4.05 18.10
CA THR D 176 -20.32 -4.91 19.28
C THR D 176 -19.49 -6.13 18.90
N THR D 177 -18.47 -6.41 19.71
CA THR D 177 -17.68 -7.61 19.57
C THR D 177 -17.99 -8.54 20.74
N THR D 178 -17.67 -9.80 20.50
CA THR D 178 -17.92 -10.89 21.46
C THR D 178 -16.64 -11.75 21.60
N VAL D 179 -16.20 -11.94 22.85
CA VAL D 179 -15.12 -12.83 23.18
C VAL D 179 -15.69 -13.95 24.04
N THR D 180 -15.41 -15.20 23.69
CA THR D 180 -16.02 -16.35 24.36
C THR D 180 -14.92 -17.27 24.88
N PHE D 181 -15.14 -17.90 26.04
CA PHE D 181 -14.18 -18.85 26.56
C PHE D 181 -14.94 -19.88 27.39
N ILE D 182 -14.55 -21.13 27.20
CA ILE D 182 -15.06 -22.23 28.02
C ILE D 182 -13.89 -22.76 28.85
N ALA D 183 -14.04 -22.76 30.17
CA ALA D 183 -13.08 -23.38 31.07
C ALA D 183 -13.49 -24.82 31.37
N THR D 184 -12.53 -25.75 31.27
CA THR D 184 -12.77 -27.13 31.50
C THR D 184 -12.40 -27.47 32.94
N PRO D 185 -12.74 -28.68 33.40
CA PRO D 185 -12.36 -29.11 34.74
C PRO D 185 -10.84 -29.22 34.91
N GLU D 186 -10.08 -29.33 33.81
CA GLU D 186 -8.61 -29.48 33.97
C GLU D 186 -7.91 -28.12 33.77
N SER D 187 -8.68 -27.03 33.62
CA SER D 187 -8.10 -25.71 33.52
C SER D 187 -7.13 -25.45 34.67
N PRO D 188 -5.93 -24.90 34.40
CA PRO D 188 -5.01 -24.51 35.46
C PRO D 188 -5.44 -23.25 36.23
N TYR D 189 -6.47 -22.52 35.73
CA TYR D 189 -6.74 -21.15 36.22
C TYR D 189 -8.01 -21.09 37.09
N LEU D 190 -8.59 -22.25 37.44
CA LEU D 190 -9.82 -22.30 38.18
C LEU D 190 -9.63 -21.55 39.49
N GLY D 191 -10.61 -20.74 39.84
CA GLY D 191 -10.56 -20.00 41.09
C GLY D 191 -9.79 -18.69 41.00
N GLN D 192 -9.06 -18.43 39.91
CA GLN D 192 -8.41 -17.11 39.69
C GLN D 192 -9.44 -16.05 39.26
N HIS D 193 -9.22 -14.79 39.66
CA HIS D 193 -10.11 -13.66 39.41
C HIS D 193 -10.12 -13.37 37.91
N LEU D 194 -11.33 -13.14 37.41
CA LEU D 194 -11.53 -12.79 36.03
C LEU D 194 -11.09 -11.34 35.90
N GLY D 195 -10.75 -10.98 34.66
CA GLY D 195 -10.31 -9.65 34.35
C GLY D 195 -10.73 -9.33 32.95
N ILE D 196 -10.81 -8.04 32.62
CA ILE D 196 -11.12 -7.59 31.30
C ILE D 196 -10.08 -6.57 30.90
N ARG D 197 -9.58 -6.65 29.66
CA ARG D 197 -8.77 -5.54 29.10
C ARG D 197 -9.38 -5.02 27.81
N LEU D 198 -9.40 -3.69 27.66
CA LEU D 198 -9.88 -2.99 26.48
C LEU D 198 -8.70 -2.20 25.92
N ILE D 199 -8.24 -2.55 24.70
CA ILE D 199 -6.90 -2.20 24.23
C ILE D 199 -6.96 -1.40 22.92
N ASN D 200 -6.13 -0.35 22.88
CA ASN D 200 -5.78 0.43 21.69
C ASN D 200 -4.44 -0.11 21.23
N PRO D 201 -4.36 -0.88 20.12
CA PRO D 201 -3.09 -1.46 19.68
C PRO D 201 -2.23 -0.54 18.79
N LEU D 202 -2.67 0.69 18.57
CA LEU D 202 -1.85 1.75 17.84
C LEU D 202 -1.39 1.22 16.47
N GLN D 203 -2.36 0.80 15.65
CA GLN D 203 -2.10 0.21 14.31
C GLN D 203 -2.71 1.09 13.21
N GLY D 204 -2.88 2.38 13.49
CA GLY D 204 -3.48 3.34 12.57
C GLY D 204 -3.66 4.70 13.22
N LYS D 205 -3.69 5.72 12.37
CA LYS D 205 -3.95 7.11 12.76
C LYS D 205 -5.19 7.51 11.98
N PHE D 206 -6.14 8.24 12.55
CA PHE D 206 -6.17 8.76 13.91
C PHE D 206 -6.27 7.64 14.97
N SER D 207 -5.47 7.79 16.02
CA SER D 207 -5.13 6.70 16.92
C SER D 207 -5.94 6.77 18.22
N GLY D 208 -7.23 7.07 18.10
CA GLY D 208 -8.20 6.93 19.20
C GLY D 208 -9.28 5.90 18.91
N VAL D 209 -9.74 5.22 19.98
CA VAL D 209 -10.77 4.16 19.91
C VAL D 209 -11.57 4.23 21.22
N ASP D 210 -12.89 4.08 21.09
CA ASP D 210 -13.82 4.18 22.18
C ASP D 210 -14.43 2.81 22.47
N PHE D 211 -14.93 2.68 23.70
CA PHE D 211 -15.54 1.45 24.20
C PHE D 211 -16.78 1.82 25.01
N ASP D 212 -17.78 0.95 25.02
CA ASP D 212 -18.95 1.19 25.85
C ASP D 212 -19.61 -0.14 26.18
N ASN D 213 -20.51 -0.12 27.18
CA ASN D 213 -21.44 -1.19 27.47
C ASN D 213 -20.75 -2.56 27.59
N VAL D 214 -19.78 -2.66 28.50
CA VAL D 214 -19.09 -3.91 28.77
C VAL D 214 -20.05 -4.85 29.52
N ARG D 215 -20.20 -6.07 28.99
CA ARG D 215 -21.11 -7.05 29.58
C ARG D 215 -20.37 -8.40 29.66
N LEU D 216 -20.54 -9.14 30.75
CA LEU D 216 -19.92 -10.46 30.87
C LEU D 216 -20.93 -11.41 31.49
N THR D 217 -21.22 -12.51 30.80
CA THR D 217 -22.07 -13.56 31.33
C THR D 217 -21.32 -14.89 31.49
N ALA D 218 -21.84 -15.72 32.41
CA ALA D 218 -21.38 -17.04 32.65
C ALA D 218 -22.58 -17.97 32.60
N GLU D 219 -22.41 -19.11 31.94
CA GLU D 219 -23.46 -20.12 31.81
C GLU D 219 -22.84 -21.52 31.85
N PRO D 220 -23.56 -22.54 32.39
CA PRO D 220 -23.07 -23.91 32.37
C PRO D 220 -22.78 -24.33 30.92
N ALA D 221 -21.71 -25.12 30.74
CA ALA D 221 -21.35 -25.60 29.45
C ALA D 221 -21.03 -27.08 29.52
N GLU D 222 -21.21 -27.73 28.36
CA GLU D 222 -20.78 -29.09 28.07
C GLU D 222 -19.32 -29.05 27.60
N THR D 223 -18.43 -29.84 28.22
CA THR D 223 -17.00 -29.87 27.82
C THR D 223 -16.62 -31.22 27.22
C1 BOG E . -8.61 -5.56 -24.97
O1 BOG E . -7.50 -6.44 -25.32
C2 BOG E . -7.93 -4.28 -24.53
O2 BOG E . -7.01 -4.52 -23.40
C3 BOG E . -9.01 -3.23 -24.15
O3 BOG E . -8.25 -2.21 -23.50
C4 BOG E . -9.67 -2.85 -25.49
O4 BOG E . -10.61 -1.88 -25.34
C5 BOG E . -10.38 -4.07 -26.06
O5 BOG E . -9.57 -5.30 -26.01
C6 BOG E . -10.66 -3.83 -27.54
O6 BOG E . -10.96 -5.08 -28.13
C1' BOG E . -7.93 -7.80 -25.51
C2' BOG E . -7.42 -8.67 -24.35
C3' BOG E . -8.60 -9.48 -23.76
C4' BOG E . -8.28 -9.84 -22.33
C5' BOG E . -6.93 -10.54 -22.20
C6' BOG E . -7.15 -11.95 -21.73
C7' BOG E . -7.42 -11.96 -20.21
C8' BOG E . -8.15 -13.25 -19.80
CA CA F . -9.21 -0.66 -16.56
CA CA G . -11.02 6.12 -33.84
C TRS H . 23.37 -25.41 21.56
C1 TRS H . 22.99 -26.81 22.01
C2 TRS H . 22.23 -24.72 20.80
C3 TRS H . 24.72 -25.57 20.82
N TRS H . 23.48 -24.58 22.78
O1 TRS H . 21.84 -27.18 21.31
O2 TRS H . 21.00 -24.65 21.61
O3 TRS H . 24.70 -26.25 19.53
CA CA I . -4.43 -32.02 5.83
CA CA J . -6.00 -32.94 24.43
CA CA K . 20.93 28.27 -21.78
CA CA L . 15.96 28.55 -3.90
CA CA M . -11.76 7.33 13.28
CA CA N . -22.21 4.22 28.36
#